data_1XOF
# 
_entry.id   1XOF 
# 
_audit_conform.dict_name       mmcif_pdbx.dic 
_audit_conform.dict_version    5.381 
_audit_conform.dict_location   http://mmcif.pdb.org/dictionaries/ascii/mmcif_pdbx.dic 
# 
loop_
_database_2.database_id 
_database_2.database_code 
_database_2.pdbx_database_accession 
_database_2.pdbx_DOI 
PDB   1XOF         pdb_00001xof 10.2210/pdb1xof/pdb 
RCSB  RCSB030577   ?            ?                   
WWPDB D_1000030577 ?            ?                   
# 
loop_
_pdbx_database_related.db_name 
_pdbx_database_related.db_id 
_pdbx_database_related.details 
_pdbx_database_related.content_type 
PDB 1SN9 'homooligomeric beta beta alpha miniprotein'                           unspecified 
PDB 1SNA 'homooligomeric beta beta alpha miniprotein (selenomethionine mutant)' unspecified 
PDB 1SNE 'homooligomeric beta beta alpha miniprotein (selenomethionine mutant)' unspecified 
# 
_pdbx_database_status.status_code                     REL 
_pdbx_database_status.entry_id                        1XOF 
_pdbx_database_status.recvd_initial_deposition_date   2004-10-06 
_pdbx_database_status.deposit_site                    RCSB 
_pdbx_database_status.process_site                    RCSB 
_pdbx_database_status.status_code_sf                  REL 
_pdbx_database_status.status_code_mr                  ? 
_pdbx_database_status.SG_entry                        ? 
_pdbx_database_status.pdb_format_compatible           Y 
_pdbx_database_status.status_code_cs                  ? 
_pdbx_database_status.methods_development_category    ? 
_pdbx_database_status.status_code_nmr_data            ? 
# 
loop_
_audit_author.name 
_audit_author.pdbx_ordinal 
'Ali, M.H.'     1 
'Taylor, C.M.'  2 
'Grigoryan, G.' 3 
'Allen, K.N.'   4 
'Imperiali, B.' 5 
'Keating, A.E.' 6 
# 
_citation.id                        primary 
_citation.title                     
'Design of a Heterospecific, Tetrameric, 21-Residue Miniprotein with Mixed alpha/beta Structure.' 
_citation.journal_abbrev            Structure 
_citation.journal_volume            13 
_citation.page_first                225 
_citation.page_last                 234 
_citation.year                      2005 
_citation.journal_id_ASTM           STRUE6 
_citation.country                   UK 
_citation.journal_id_ISSN           0969-2126 
_citation.journal_id_CSD            2005 
_citation.book_publisher            ? 
_citation.pdbx_database_id_PubMed   15698566 
_citation.pdbx_database_id_DOI      10.1016/j.str.2004.12.009 
# 
loop_
_citation_author.citation_id 
_citation_author.name 
_citation_author.ordinal 
_citation_author.identifier_ORCID 
primary 'Ali, M.H.'     1 ? 
primary 'Taylor, C.M.'  2 ? 
primary 'Grigoryan, G.' 3 ? 
primary 'Allen, K.N.'   4 ? 
primary 'Imperiali, B.' 5 ? 
primary 'Keating, A.E.' 6 ? 
# 
_cell.entry_id           1XOF 
_cell.length_a           41.695 
_cell.length_b           41.695 
_cell.length_c           51.332 
_cell.angle_alpha        90.00 
_cell.angle_beta         90.00 
_cell.angle_gamma        120.00 
_cell.Z_PDB              6 
_cell.pdbx_unique_axis   ? 
# 
_symmetry.entry_id                         1XOF 
_symmetry.space_group_name_H-M             'P 31 2 1' 
_symmetry.pdbx_full_space_group_name_H-M   ? 
_symmetry.cell_setting                     ? 
_symmetry.Int_Tables_number                152 
_symmetry.space_group_name_Hall            ? 
# 
loop_
_entity.id 
_entity.type 
_entity.src_method 
_entity.pdbx_description 
_entity.formula_weight 
_entity.pdbx_number_of_molecules 
_entity.pdbx_ec 
_entity.pdbx_mutation 
_entity.pdbx_fragment 
_entity.details 
1 polymer syn BBAhetT1 2548.783 1  ? ? ? ? 
2 polymer syn BBAhetT1 2639.103 1  ? ? ? ? 
3 water   nat water    18.015   52 ? ? ? ? 
# 
loop_
_entity_poly.entity_id 
_entity_poly.type 
_entity_poly.nstd_linkage 
_entity_poly.nstd_monomer 
_entity_poly.pdbx_seq_one_letter_code 
_entity_poly.pdbx_seq_one_letter_code_can 
_entity_poly.pdbx_strand_id 
_entity_poly.pdbx_target_identifier 
1 'polypeptide(L)' no yes '(ACE)YRI(DPR)SYDF(DAL)DEAEKLLRDA(DBZ)G' XYRIPSYDFADEAEKLLRDAAG A ? 
2 'polypeptide(L)' no yes '(ACE)YRI(DPR)SYDF(DAL)DKFKKLLRKA(DBZ)G' XYRIPSYDFADKFKKLLRKAAG B ? 
# 
loop_
_entity_poly_seq.entity_id 
_entity_poly_seq.num 
_entity_poly_seq.mon_id 
_entity_poly_seq.hetero 
1 1  ACE n 
1 2  TYR n 
1 3  ARG n 
1 4  ILE n 
1 5  DPR n 
1 6  SER n 
1 7  TYR n 
1 8  ASP n 
1 9  PHE n 
1 10 DAL n 
1 11 ASP n 
1 12 GLU n 
1 13 ALA n 
1 14 GLU n 
1 15 LYS n 
1 16 LEU n 
1 17 LEU n 
1 18 ARG n 
1 19 ASP n 
1 20 ALA n 
1 21 DBZ n 
1 22 GLY n 
2 1  ACE n 
2 2  TYR n 
2 3  ARG n 
2 4  ILE n 
2 5  DPR n 
2 6  SER n 
2 7  TYR n 
2 8  ASP n 
2 9  PHE n 
2 10 DAL n 
2 11 ASP n 
2 12 LYS n 
2 13 PHE n 
2 14 LYS n 
2 15 LYS n 
2 16 LEU n 
2 17 LEU n 
2 18 ARG n 
2 19 LYS n 
2 20 ALA n 
2 21 DBZ n 
2 22 GLY n 
# 
loop_
_pdbx_entity_src_syn.entity_id 
_pdbx_entity_src_syn.pdbx_src_id 
_pdbx_entity_src_syn.pdbx_alt_source_flag 
_pdbx_entity_src_syn.pdbx_beg_seq_num 
_pdbx_entity_src_syn.pdbx_end_seq_num 
_pdbx_entity_src_syn.organism_scientific 
_pdbx_entity_src_syn.organism_common_name 
_pdbx_entity_src_syn.ncbi_taxonomy_id 
_pdbx_entity_src_syn.details 
1 1 sample ? ? ? ? ? 'chemical synthesis' 
2 1 sample ? ? ? ? ? 'chemical synthesis' 
# 
loop_
_struct_ref.id 
_struct_ref.entity_id 
_struct_ref.db_name 
_struct_ref.db_code 
_struct_ref.pdbx_db_accession 
_struct_ref.pdbx_db_isoform 
_struct_ref.pdbx_seq_one_letter_code 
_struct_ref.pdbx_align_begin 
1 1 PDB 1XOF 1XOF ? ? ? 
2 2 PDB 1XOF 1XOF ? ? ? 
# 
loop_
_struct_ref_seq.align_id 
_struct_ref_seq.ref_id 
_struct_ref_seq.pdbx_PDB_id_code 
_struct_ref_seq.pdbx_strand_id 
_struct_ref_seq.seq_align_beg 
_struct_ref_seq.pdbx_seq_align_beg_ins_code 
_struct_ref_seq.seq_align_end 
_struct_ref_seq.pdbx_seq_align_end_ins_code 
_struct_ref_seq.pdbx_db_accession 
_struct_ref_seq.db_align_beg 
_struct_ref_seq.pdbx_db_align_beg_ins_code 
_struct_ref_seq.db_align_end 
_struct_ref_seq.pdbx_db_align_end_ins_code 
_struct_ref_seq.pdbx_auth_seq_align_beg 
_struct_ref_seq.pdbx_auth_seq_align_end 
1 1 1XOF A 1 ? 22 ? 1XOF 100 ? 121 ? 100 121 
2 2 1XOF B 1 ? 22 ? 1XOF 200 ? 221 ? 200 221 
# 
loop_
_chem_comp.id 
_chem_comp.type 
_chem_comp.mon_nstd_flag 
_chem_comp.name 
_chem_comp.pdbx_synonyms 
_chem_comp.formula 
_chem_comp.formula_weight 
ACE non-polymer         . 'ACETYL GROUP'               ? 'C2 H4 O'        44.053  
ALA 'L-peptide linking' y ALANINE                      ? 'C3 H7 N O2'     89.093  
ARG 'L-peptide linking' y ARGININE                     ? 'C6 H15 N4 O2 1' 175.209 
ASP 'L-peptide linking' y 'ASPARTIC ACID'              ? 'C4 H7 N O4'     133.103 
DAL 'D-peptide linking' . D-ALANINE                    ? 'C3 H7 N O2'     89.093  
DBZ 'L-peptide linking' n '3-(BENZOYLAMINO)-L-ALANINE' ? 'C10 H12 N2 O3'  208.214 
DPR 'D-peptide linking' . D-PROLINE                    ? 'C5 H9 N O2'     115.130 
GLU 'L-peptide linking' y 'GLUTAMIC ACID'              ? 'C5 H9 N O4'     147.129 
GLY 'peptide linking'   y GLYCINE                      ? 'C2 H5 N O2'     75.067  
HOH non-polymer         . WATER                        ? 'H2 O'           18.015  
ILE 'L-peptide linking' y ISOLEUCINE                   ? 'C6 H13 N O2'    131.173 
LEU 'L-peptide linking' y LEUCINE                      ? 'C6 H13 N O2'    131.173 
LYS 'L-peptide linking' y LYSINE                       ? 'C6 H15 N2 O2 1' 147.195 
PHE 'L-peptide linking' y PHENYLALANINE                ? 'C9 H11 N O2'    165.189 
SER 'L-peptide linking' y SERINE                       ? 'C3 H7 N O3'     105.093 
TYR 'L-peptide linking' y TYROSINE                     ? 'C9 H11 N O3'    181.189 
# 
_exptl.entry_id          1XOF 
_exptl.method            'X-RAY DIFFRACTION' 
_exptl.crystals_number   1 
# 
_exptl_crystal.id                    1 
_exptl_crystal.density_meas          ? 
_exptl_crystal.density_Matthews      2.35 
_exptl_crystal.density_percent_sol   47 
_exptl_crystal.description           ? 
_exptl_crystal.F_000                 ? 
_exptl_crystal.preparation           ? 
# 
_exptl_crystal_grow.crystal_id      1 
_exptl_crystal_grow.method          'VAPOR DIFFUSION, HANGING DROP' 
_exptl_crystal_grow.temp            293 
_exptl_crystal_grow.temp_details    ? 
_exptl_crystal_grow.pH              7.2 
_exptl_crystal_grow.pdbx_details    
'100 mM Na HEPES buffer pH 7.5, 10% v/v i-propanol, 20% w/v PEG 4000, pH 7.2, VAPOR DIFFUSION, HANGING DROP, temperature 293K' 
_exptl_crystal_grow.pdbx_pH_range   . 
# 
_diffrn.id                     1 
_diffrn.ambient_temp           93 
_diffrn.ambient_temp_details   ? 
_diffrn.crystal_id             1 
# 
_diffrn_detector.diffrn_id              1 
_diffrn_detector.detector               'IMAGE PLATE' 
_diffrn_detector.type                   'RIGAKU RAXIS IV' 
_diffrn_detector.pdbx_collection_date   2004-04-30 
_diffrn_detector.details                ? 
# 
_diffrn_radiation.diffrn_id                        1 
_diffrn_radiation.wavelength_id                    1 
_diffrn_radiation.pdbx_monochromatic_or_laue_m_l   M 
_diffrn_radiation.monochromator                    ? 
_diffrn_radiation.pdbx_diffrn_protocol             'SINGLE WAVELENGTH' 
_diffrn_radiation.pdbx_scattering_type             x-ray 
# 
_diffrn_radiation_wavelength.id           1 
_diffrn_radiation_wavelength.wavelength   1.5418 
_diffrn_radiation_wavelength.wt           1.0 
# 
_diffrn_source.diffrn_id                   1 
_diffrn_source.source                      'ROTATING ANODE' 
_diffrn_source.type                        'RIGAKU RUH3R' 
_diffrn_source.pdbx_synchrotron_site       ? 
_diffrn_source.pdbx_synchrotron_beamline   ? 
_diffrn_source.pdbx_wavelength             ? 
_diffrn_source.pdbx_wavelength_list        1.5418 
# 
_reflns.entry_id                     1XOF 
_reflns.observed_criterion_sigma_I   ? 
_reflns.observed_criterion_sigma_F   ? 
_reflns.d_resolution_low             17.0 
_reflns.d_resolution_high            1.95 
_reflns.number_obs                   3865 
_reflns.number_all                   3865 
_reflns.percent_possible_obs         ? 
_reflns.pdbx_Rmerge_I_obs            ? 
_reflns.pdbx_Rsym_value              ? 
_reflns.pdbx_netI_over_sigmaI        ? 
_reflns.B_iso_Wilson_estimate        27.7 
_reflns.pdbx_redundancy              ? 
_reflns.R_free_details               ? 
_reflns.limit_h_max                  ? 
_reflns.limit_h_min                  ? 
_reflns.limit_k_max                  ? 
_reflns.limit_k_min                  ? 
_reflns.limit_l_max                  ? 
_reflns.limit_l_min                  ? 
_reflns.observed_criterion_F_max     ? 
_reflns.observed_criterion_F_min     ? 
_reflns.pdbx_chi_squared             ? 
_reflns.pdbx_scaling_rejects         ? 
_reflns.pdbx_diffrn_id               1 
_reflns.pdbx_ordinal                 1 
# 
_refine.entry_id                                 1XOF 
_refine.ls_number_reflns_obs                     3749 
_refine.ls_number_reflns_all                     3865 
_refine.pdbx_ls_sigma_I                          ? 
_refine.pdbx_ls_sigma_F                          0.0 
_refine.pdbx_data_cutoff_high_absF               1689008.12 
_refine.pdbx_data_cutoff_low_absF                0.000000 
_refine.pdbx_data_cutoff_high_rms_absF           ? 
_refine.ls_d_res_low                             17.00 
_refine.ls_d_res_high                            1.95 
_refine.ls_percent_reflns_obs                    93.4 
_refine.ls_R_factor_obs                          0.222 
_refine.ls_R_factor_all                          0.222 
_refine.ls_R_factor_R_work                       0.222 
_refine.ls_R_factor_R_free                       0.24 
_refine.ls_R_factor_R_free_error                 0.013 
_refine.ls_R_factor_R_free_error_details         ? 
_refine.ls_percent_reflns_R_free                 10.1 
_refine.ls_number_reflns_R_free                  380 
_refine.ls_number_parameters                     ? 
_refine.ls_number_restraints                     ? 
_refine.occupancy_min                            ? 
_refine.occupancy_max                            ? 
_refine.correlation_coeff_Fo_to_Fc               ? 
_refine.correlation_coeff_Fo_to_Fc_free          ? 
_refine.B_iso_mean                               39.9 
_refine.aniso_B[1][1]                            0.36 
_refine.aniso_B[2][2]                            0.36 
_refine.aniso_B[3][3]                            -0.72 
_refine.aniso_B[1][2]                            -5.69 
_refine.aniso_B[1][3]                            0.00 
_refine.aniso_B[2][3]                            0.00 
_refine.solvent_model_details                    'FLAT MODEL' 
_refine.solvent_model_param_ksol                 0.290901 
_refine.solvent_model_param_bsol                 43.0638 
_refine.pdbx_solvent_vdw_probe_radii             ? 
_refine.pdbx_solvent_ion_probe_radii             ? 
_refine.pdbx_solvent_shrinkage_radii             ? 
_refine.pdbx_ls_cross_valid_method               THROUGHOUT 
_refine.details                                  ? 
_refine.pdbx_starting_model                      ? 
_refine.pdbx_method_to_determine_struct          'MOLECULAR REPLACEMENT' 
_refine.pdbx_isotropic_thermal_model             RESTRAINED 
_refine.pdbx_stereochemistry_target_values       'Engh & Huber' 
_refine.pdbx_stereochem_target_val_spec_case     ? 
_refine.pdbx_R_Free_selection_details            RANDOM 
_refine.pdbx_overall_ESU_R                       ? 
_refine.pdbx_overall_ESU_R_Free                  ? 
_refine.overall_SU_ML                            ? 
_refine.overall_SU_B                             ? 
_refine.ls_redundancy_reflns_obs                 ? 
_refine.B_iso_min                                ? 
_refine.B_iso_max                                ? 
_refine.overall_SU_R_Cruickshank_DPI             ? 
_refine.overall_SU_R_free                        ? 
_refine.ls_wR_factor_R_free                      ? 
_refine.ls_wR_factor_R_work                      ? 
_refine.overall_FOM_free_R_set                   ? 
_refine.overall_FOM_work_R_set                   ? 
_refine.pdbx_refine_id                           'X-RAY DIFFRACTION' 
_refine.pdbx_diffrn_id                           1 
_refine.pdbx_TLS_residual_ADP_flag               ? 
_refine.pdbx_overall_phase_error                 ? 
_refine.pdbx_overall_SU_R_free_Cruickshank_DPI   ? 
_refine.pdbx_overall_SU_R_Blow_DPI               ? 
_refine.pdbx_overall_SU_R_free_Blow_DPI          ? 
# 
_refine_analyze.entry_id                        1XOF 
_refine_analyze.Luzzati_coordinate_error_obs    0.26 
_refine_analyze.Luzzati_sigma_a_obs             0.19 
_refine_analyze.Luzzati_d_res_low_obs           5.00 
_refine_analyze.Luzzati_coordinate_error_free   0.32 
_refine_analyze.Luzzati_sigma_a_free            0.18 
_refine_analyze.Luzzati_d_res_low_free          ? 
_refine_analyze.number_disordered_residues      ? 
_refine_analyze.occupancy_sum_hydrogen          ? 
_refine_analyze.occupancy_sum_non_hydrogen      ? 
_refine_analyze.pdbx_Luzzati_d_res_high_obs     ? 
_refine_analyze.pdbx_refine_id                  'X-RAY DIFFRACTION' 
# 
_refine_hist.pdbx_refine_id                   'X-RAY DIFFRACTION' 
_refine_hist.cycle_id                         LAST 
_refine_hist.pdbx_number_atoms_protein        391 
_refine_hist.pdbx_number_atoms_nucleic_acid   0 
_refine_hist.pdbx_number_atoms_ligand         0 
_refine_hist.number_atoms_solvent             52 
_refine_hist.number_atoms_total               443 
_refine_hist.d_res_high                       1.95 
_refine_hist.d_res_low                        17.00 
# 
loop_
_refine_ls_restr.type 
_refine_ls_restr.dev_ideal 
_refine_ls_restr.dev_ideal_target 
_refine_ls_restr.weight 
_refine_ls_restr.number 
_refine_ls_restr.pdbx_refine_id 
_refine_ls_restr.pdbx_restraint_function 
c_bond_d           0.009 ? ? ? 'X-RAY DIFFRACTION' ? 
c_angle_deg        1.5   ? ? ? 'X-RAY DIFFRACTION' ? 
c_dihedral_angle_d 21.7  ? ? ? 'X-RAY DIFFRACTION' ? 
c_improper_angle_d 0.74  ? ? ? 'X-RAY DIFFRACTION' ? 
# 
_refine_ls_shell.pdbx_total_number_of_bins_used   10 
_refine_ls_shell.d_res_high                       1.95 
_refine_ls_shell.d_res_low                        2.02 
_refine_ls_shell.number_reflns_R_work             332 
_refine_ls_shell.R_factor_R_work                  0.261 
_refine_ls_shell.percent_reflns_obs               94.1 
_refine_ls_shell.R_factor_R_free                  0.325 
_refine_ls_shell.R_factor_R_free_error            0.055 
_refine_ls_shell.percent_reflns_R_free            9.5 
_refine_ls_shell.number_reflns_R_free             35 
_refine_ls_shell.number_reflns_obs                ? 
_refine_ls_shell.redundancy_reflns_obs            ? 
_refine_ls_shell.number_reflns_all                ? 
_refine_ls_shell.pdbx_refine_id                   'X-RAY DIFFRACTION' 
_refine_ls_shell.R_factor_all                     ? 
# 
loop_
_pdbx_xplor_file.serial_no 
_pdbx_xplor_file.param_file 
_pdbx_xplor_file.topol_file 
_pdbx_xplor_file.pdbx_refine_id 
1 PROTEIN_REP.PARAM PROTEIN.TOP       'X-RAY DIFFRACTION' 
2 DAMINO.PAR        WATER.TOP         'X-RAY DIFFRACTION' 
3 WATER_REP.PARAM   DAMINO.TOP        'X-RAY DIFFRACTION' 
4 ION.PARAM         PROTEIN_BREAK.TOP 'X-RAY DIFFRACTION' 
# 
_struct.entry_id                  1XOF 
_struct.title                     'Heterooligomeric Beta Beta Alpha Miniprotein' 
_struct.pdbx_model_details        ? 
_struct.pdbx_CASP_flag            ? 
_struct.pdbx_model_type_details   ? 
# 
_struct_keywords.entry_id        1XOF 
_struct_keywords.pdbx_keywords   'DE NOVO PROTEIN' 
_struct_keywords.text            'protein design, heterooligomer, heterotetramer, DE NOVO PROTEIN' 
# 
loop_
_struct_asym.id 
_struct_asym.pdbx_blank_PDB_chainid_flag 
_struct_asym.pdbx_modified 
_struct_asym.entity_id 
_struct_asym.details 
A N N 1 ? 
B N N 2 ? 
C N N 3 ? 
D N N 3 ? 
# 
loop_
_struct_conf.conf_type_id 
_struct_conf.id 
_struct_conf.pdbx_PDB_helix_id 
_struct_conf.beg_label_comp_id 
_struct_conf.beg_label_asym_id 
_struct_conf.beg_label_seq_id 
_struct_conf.pdbx_beg_PDB_ins_code 
_struct_conf.end_label_comp_id 
_struct_conf.end_label_asym_id 
_struct_conf.end_label_seq_id 
_struct_conf.pdbx_end_PDB_ins_code 
_struct_conf.beg_auth_comp_id 
_struct_conf.beg_auth_asym_id 
_struct_conf.beg_auth_seq_id 
_struct_conf.end_auth_comp_id 
_struct_conf.end_auth_asym_id 
_struct_conf.end_auth_seq_id 
_struct_conf.pdbx_PDB_helix_class 
_struct_conf.details 
_struct_conf.pdbx_PDB_helix_length 
HELX_P HELX_P1 1 ASP A 8 ? DBZ A 21 ? ASP A 107 DBZ A 120 1 ? 14 
HELX_P HELX_P2 2 PHE B 9 ? ALA B 20 ? PHE B 208 ALA B 219 1 ? 12 
# 
_struct_conf_type.id          HELX_P 
_struct_conf_type.criteria    ? 
_struct_conf_type.reference   ? 
# 
loop_
_struct_conn.id 
_struct_conn.conn_type_id 
_struct_conn.pdbx_leaving_atom_flag 
_struct_conn.pdbx_PDB_id 
_struct_conn.ptnr1_label_asym_id 
_struct_conn.ptnr1_label_comp_id 
_struct_conn.ptnr1_label_seq_id 
_struct_conn.ptnr1_label_atom_id 
_struct_conn.pdbx_ptnr1_label_alt_id 
_struct_conn.pdbx_ptnr1_PDB_ins_code 
_struct_conn.pdbx_ptnr1_standard_comp_id 
_struct_conn.ptnr1_symmetry 
_struct_conn.ptnr2_label_asym_id 
_struct_conn.ptnr2_label_comp_id 
_struct_conn.ptnr2_label_seq_id 
_struct_conn.ptnr2_label_atom_id 
_struct_conn.pdbx_ptnr2_label_alt_id 
_struct_conn.pdbx_ptnr2_PDB_ins_code 
_struct_conn.ptnr1_auth_asym_id 
_struct_conn.ptnr1_auth_comp_id 
_struct_conn.ptnr1_auth_seq_id 
_struct_conn.ptnr2_auth_asym_id 
_struct_conn.ptnr2_auth_comp_id 
_struct_conn.ptnr2_auth_seq_id 
_struct_conn.ptnr2_symmetry 
_struct_conn.pdbx_ptnr3_label_atom_id 
_struct_conn.pdbx_ptnr3_label_seq_id 
_struct_conn.pdbx_ptnr3_label_comp_id 
_struct_conn.pdbx_ptnr3_label_asym_id 
_struct_conn.pdbx_ptnr3_label_alt_id 
_struct_conn.pdbx_ptnr3_PDB_ins_code 
_struct_conn.details 
_struct_conn.pdbx_dist_value 
_struct_conn.pdbx_value_order 
_struct_conn.pdbx_role 
covale1  covale both ? A ACE 1  C ? ? ? 1_555 A TYR 2  N ? ? A ACE 100 A TYR 101 1_555 ? ? ? ? ? ? ? 1.330 ? ? 
covale2  covale both ? A ILE 4  C ? ? ? 1_555 A DPR 5  N ? ? A ILE 103 A DPR 104 1_555 ? ? ? ? ? ? ? 1.340 ? ? 
covale3  covale both ? A DPR 5  C ? ? ? 1_555 A SER 6  N ? ? A DPR 104 A SER 105 1_555 ? ? ? ? ? ? ? 1.326 ? ? 
covale4  covale both ? A PHE 9  C ? ? ? 1_555 A DAL 10 N ? ? A PHE 108 A DAL 109 1_555 ? ? ? ? ? ? ? 1.333 ? ? 
covale5  covale both ? A DAL 10 C ? ? ? 1_555 A ASP 11 N ? ? A DAL 109 A ASP 110 1_555 ? ? ? ? ? ? ? 1.321 ? ? 
covale6  covale both ? A ALA 20 C ? ? ? 1_555 A DBZ 21 N ? ? A ALA 119 A DBZ 120 1_555 ? ? ? ? ? ? ? 1.323 ? ? 
covale7  covale both ? A DBZ 21 C ? ? ? 1_555 A GLY 22 N ? ? A DBZ 120 A GLY 121 1_555 ? ? ? ? ? ? ? 1.327 ? ? 
covale8  covale both ? B ACE 1  C ? ? ? 1_555 B TYR 2  N ? ? B ACE 200 B TYR 201 1_555 ? ? ? ? ? ? ? 1.333 ? ? 
covale9  covale both ? B ILE 4  C ? ? ? 1_555 B DPR 5  N ? ? B ILE 203 B DPR 204 1_555 ? ? ? ? ? ? ? 1.345 ? ? 
covale10 covale both ? B DPR 5  C ? ? ? 1_555 B SER 6  N ? ? B DPR 204 B SER 205 1_555 ? ? ? ? ? ? ? 1.327 ? ? 
covale11 covale both ? B PHE 9  C ? ? ? 1_555 B DAL 10 N ? ? B PHE 208 B DAL 209 1_555 ? ? ? ? ? ? ? 1.334 ? ? 
covale12 covale both ? B DAL 10 C ? ? ? 1_555 B ASP 11 N ? ? B DAL 209 B ASP 210 1_555 ? ? ? ? ? ? ? 1.326 ? ? 
covale13 covale both ? B ALA 20 C ? ? ? 1_555 B DBZ 21 N ? ? B ALA 219 B DBZ 220 1_555 ? ? ? ? ? ? ? 1.324 ? ? 
covale14 covale both ? B DBZ 21 C ? ? ? 1_555 B GLY 22 N ? ? B DBZ 220 B GLY 221 1_555 ? ? ? ? ? ? ? 1.325 ? ? 
# 
_struct_conn_type.id          covale 
_struct_conn_type.criteria    ? 
_struct_conn_type.reference   ? 
# 
_struct_sheet.id               A 
_struct_sheet.type             ? 
_struct_sheet.number_strands   2 
_struct_sheet.details          ? 
# 
_struct_sheet_order.sheet_id     A 
_struct_sheet_order.range_id_1   1 
_struct_sheet_order.range_id_2   2 
_struct_sheet_order.offset       ? 
_struct_sheet_order.sense        anti-parallel 
# 
loop_
_struct_sheet_range.sheet_id 
_struct_sheet_range.id 
_struct_sheet_range.beg_label_comp_id 
_struct_sheet_range.beg_label_asym_id 
_struct_sheet_range.beg_label_seq_id 
_struct_sheet_range.pdbx_beg_PDB_ins_code 
_struct_sheet_range.end_label_comp_id 
_struct_sheet_range.end_label_asym_id 
_struct_sheet_range.end_label_seq_id 
_struct_sheet_range.pdbx_end_PDB_ins_code 
_struct_sheet_range.beg_auth_comp_id 
_struct_sheet_range.beg_auth_asym_id 
_struct_sheet_range.beg_auth_seq_id 
_struct_sheet_range.end_auth_comp_id 
_struct_sheet_range.end_auth_asym_id 
_struct_sheet_range.end_auth_seq_id 
A 1 ARG B 3 ? ILE B 4 ? ARG B 202 ILE B 203 
A 2 TYR B 7 ? ASP B 8 ? TYR B 206 ASP B 207 
# 
_pdbx_struct_sheet_hbond.sheet_id                A 
_pdbx_struct_sheet_hbond.range_id_1              1 
_pdbx_struct_sheet_hbond.range_id_2              2 
_pdbx_struct_sheet_hbond.range_1_label_atom_id   N 
_pdbx_struct_sheet_hbond.range_1_label_comp_id   ILE 
_pdbx_struct_sheet_hbond.range_1_label_asym_id   B 
_pdbx_struct_sheet_hbond.range_1_label_seq_id    4 
_pdbx_struct_sheet_hbond.range_1_PDB_ins_code    ? 
_pdbx_struct_sheet_hbond.range_1_auth_atom_id    N 
_pdbx_struct_sheet_hbond.range_1_auth_comp_id    ILE 
_pdbx_struct_sheet_hbond.range_1_auth_asym_id    B 
_pdbx_struct_sheet_hbond.range_1_auth_seq_id     203 
_pdbx_struct_sheet_hbond.range_2_label_atom_id   O 
_pdbx_struct_sheet_hbond.range_2_label_comp_id   TYR 
_pdbx_struct_sheet_hbond.range_2_label_asym_id   B 
_pdbx_struct_sheet_hbond.range_2_label_seq_id    7 
_pdbx_struct_sheet_hbond.range_2_PDB_ins_code    ? 
_pdbx_struct_sheet_hbond.range_2_auth_atom_id    O 
_pdbx_struct_sheet_hbond.range_2_auth_comp_id    TYR 
_pdbx_struct_sheet_hbond.range_2_auth_asym_id    B 
_pdbx_struct_sheet_hbond.range_2_auth_seq_id     206 
# 
_struct_site.id                   AC2 
_struct_site.pdbx_evidence_code   Software 
_struct_site.pdbx_auth_asym_id    B 
_struct_site.pdbx_auth_comp_id    ACE 
_struct_site.pdbx_auth_seq_id     200 
_struct_site.pdbx_auth_ins_code   ? 
_struct_site.pdbx_num_residues    2 
_struct_site.details              'BINDING SITE FOR RESIDUE ACE B 200' 
# 
loop_
_struct_site_gen.id 
_struct_site_gen.site_id 
_struct_site_gen.pdbx_num_res 
_struct_site_gen.label_comp_id 
_struct_site_gen.label_asym_id 
_struct_site_gen.label_seq_id 
_struct_site_gen.pdbx_auth_ins_code 
_struct_site_gen.auth_comp_id 
_struct_site_gen.auth_asym_id 
_struct_site_gen.auth_seq_id 
_struct_site_gen.label_atom_id 
_struct_site_gen.label_alt_id 
_struct_site_gen.symmetry 
_struct_site_gen.details 
1 AC2 2 HOH D . ? HOH B 34 . ? 5_675 ? 
2 AC2 2 HOH D . ? HOH B 37 . ? 5_675 ? 
# 
_atom_sites.entry_id                    1XOF 
_atom_sites.fract_transf_matrix[1][1]   0.01102706 
_atom_sites.fract_transf_matrix[1][2]   0.01875738 
_atom_sites.fract_transf_matrix[1][3]   -0.01713290 
_atom_sites.fract_transf_matrix[2][1]   0.00662871 
_atom_sites.fract_transf_matrix[2][2]   0.02517521 
_atom_sites.fract_transf_matrix[2][3]   0.00944600 
_atom_sites.fract_transf_matrix[3][1]   0.01784716 
_atom_sites.fract_transf_matrix[3][2]   -0.00638592 
_atom_sites.fract_transf_matrix[3][3]   0.00449536 
_atom_sites.fract_transf_vector[1]      0.450762 
_atom_sites.fract_transf_vector[2]      0.904081 
_atom_sites.fract_transf_vector[3]      0.401339 
# 
loop_
_atom_type.symbol 
C 
N 
O 
# 
loop_
_atom_site.group_PDB 
_atom_site.id 
_atom_site.type_symbol 
_atom_site.label_atom_id 
_atom_site.label_alt_id 
_atom_site.label_comp_id 
_atom_site.label_asym_id 
_atom_site.label_entity_id 
_atom_site.label_seq_id 
_atom_site.pdbx_PDB_ins_code 
_atom_site.Cartn_x 
_atom_site.Cartn_y 
_atom_site.Cartn_z 
_atom_site.occupancy 
_atom_site.B_iso_or_equiv 
_atom_site.pdbx_formal_charge 
_atom_site.auth_seq_id 
_atom_site.auth_comp_id 
_atom_site.auth_asym_id 
_atom_site.auth_atom_id 
_atom_site.pdbx_PDB_model_num 
HETATM 1   C C   . ACE A 1 1  ? -1.665  -7.295  8.329   1.00 37.98 ? 100 ACE A C   1 
HETATM 2   O O   . ACE A 1 1  ? -1.268  -8.292  7.721   1.00 41.29 ? 100 ACE A O   1 
HETATM 3   C CH3 . ACE A 1 1  ? -2.108  -7.392  9.735   1.00 35.91 ? 100 ACE A CH3 1 
ATOM   4   N N   . TYR A 1 2  ? -1.721  -6.089  7.770   1.00 37.58 ? 101 TYR A N   1 
ATOM   5   C CA  . TYR A 1 2  ? -2.381  -5.024  8.528   1.00 36.90 ? 101 TYR A CA  1 
ATOM   6   C C   . TYR A 1 2  ? -3.888  -4.958  8.272   1.00 36.20 ? 101 TYR A C   1 
ATOM   7   O O   . TYR A 1 2  ? -4.351  -4.995  7.139   1.00 34.30 ? 101 TYR A O   1 
ATOM   8   C CB  . TYR A 1 2  ? -1.724  -3.683  8.221   1.00 33.88 ? 101 TYR A CB  1 
ATOM   9   C CG  . TYR A 1 2  ? -0.298  -3.596  8.718   1.00 35.81 ? 101 TYR A CG  1 
ATOM   10  C CD1 . TYR A 1 2  ? 0.744   -3.328  7.848   1.00 33.38 ? 101 TYR A CD1 1 
ATOM   11  C CD2 . TYR A 1 2  ? -0.004  -3.747  10.076  1.00 33.87 ? 101 TYR A CD2 1 
ATOM   12  C CE1 . TYR A 1 2  ? 2.058   -3.200  8.313   1.00 36.09 ? 101 TYR A CE1 1 
ATOM   13  C CE2 . TYR A 1 2  ? 1.301   -3.621  10.555  1.00 35.87 ? 101 TYR A CE2 1 
ATOM   14  C CZ  . TYR A 1 2  ? 2.330   -3.339  9.665   1.00 36.67 ? 101 TYR A CZ  1 
ATOM   15  O OH  . TYR A 1 2  ? 3.611   -3.120  10.131  1.00 37.19 ? 101 TYR A OH  1 
ATOM   16  N N   . ARG A 1 3  ? -4.654  -4.856  9.347   1.00 36.65 ? 102 ARG A N   1 
ATOM   17  C CA  . ARG A 1 3  ? -6.103  -4.805  9.229   1.00 39.00 ? 102 ARG A CA  1 
ATOM   18  C C   . ARG A 1 3  ? -6.740  -3.708  10.096  1.00 38.08 ? 102 ARG A C   1 
ATOM   19  O O   . ARG A 1 3  ? -6.113  -3.191  11.024  1.00 37.12 ? 102 ARG A O   1 
ATOM   20  C CB  . ARG A 1 3  ? -6.669  -6.175  9.632   1.00 42.50 ? 102 ARG A CB  1 
ATOM   21  C CG  . ARG A 1 3  ? -6.144  -7.323  8.784   1.00 47.38 ? 102 ARG A CG  1 
ATOM   22  C CD  . ARG A 1 3  ? -5.783  -8.558  9.606   1.00 52.17 ? 102 ARG A CD  1 
ATOM   23  N NE  . ARG A 1 3  ? -6.945  -9.223  10.189  1.00 55.96 ? 102 ARG A NE  1 
ATOM   24  C CZ  . ARG A 1 3  ? -8.003  -9.613  9.492   1.00 57.42 ? 102 ARG A CZ  1 
ATOM   25  N NH1 . ARG A 1 3  ? -8.052  -9.400  8.190   1.00 58.57 ? 102 ARG A NH1 1 
ATOM   26  N NH2 . ARG A 1 3  ? -9.006  -10.231 10.098  1.00 60.07 ? 102 ARG A NH2 1 
ATOM   27  N N   . ILE A 1 4  ? -7.976  -3.342  9.765   1.00 38.71 ? 103 ILE A N   1 
ATOM   28  C CA  . ILE A 1 4  ? -8.748  -2.374  10.545  1.00 40.24 ? 103 ILE A CA  1 
ATOM   29  C C   . ILE A 1 4  ? -9.870  -3.277  11.059  1.00 40.82 ? 103 ILE A C   1 
ATOM   30  O O   . ILE A 1 4  ? -10.805 -3.616  10.328  1.00 39.62 ? 103 ILE A O   1 
ATOM   31  C CB  . ILE A 1 4  ? -9.345  -1.240  9.673   1.00 40.33 ? 103 ILE A CB  1 
ATOM   32  C CG1 . ILE A 1 4  ? -8.226  -0.471  8.949   1.00 39.58 ? 103 ILE A CG1 1 
ATOM   33  C CG2 . ILE A 1 4  ? -10.111 -0.266  10.561  1.00 40.35 ? 103 ILE A CG2 1 
ATOM   34  C CD1 . ILE A 1 4  ? -7.315  0.325   9.855   1.00 41.79 ? 103 ILE A CD1 1 
HETATM 35  N N   . DPR A 1 5  ? -9.796  -3.672  12.338  1.00 42.78 ? 104 DPR A N   1 
HETATM 36  C CA  . DPR A 1 5  ? -10.899 -4.555  12.719  1.00 41.77 ? 104 DPR A CA  1 
HETATM 37  C CB  . DPR A 1 5  ? -10.628 -4.818  14.195  1.00 42.57 ? 104 DPR A CB  1 
HETATM 38  C CG  . DPR A 1 5  ? -10.019 -3.545  14.641  1.00 43.07 ? 104 DPR A CG  1 
HETATM 39  C CD  . DPR A 1 5  ? -9.050  -3.220  13.529  1.00 43.84 ? 104 DPR A CD  1 
HETATM 40  C C   . DPR A 1 5  ? -10.706 -5.812  11.862  1.00 42.43 ? 104 DPR A C   1 
HETATM 41  O O   . DPR A 1 5  ? -9.583  -6.282  11.681  1.00 41.07 ? 104 DPR A O   1 
ATOM   42  N N   . SER A 1 6  ? -11.793 -6.337  11.314  1.00 43.80 ? 105 SER A N   1 
ATOM   43  C CA  . SER A 1 6  ? -11.717 -7.525  10.472  1.00 43.28 ? 105 SER A CA  1 
ATOM   44  C C   . SER A 1 6  ? -11.454 -7.170  9.008   1.00 41.53 ? 105 SER A C   1 
ATOM   45  O O   . SER A 1 6  ? -11.227 -8.055  8.179   1.00 41.17 ? 105 SER A O   1 
ATOM   46  C CB  . SER A 1 6  ? -13.028 -8.311  10.576  1.00 43.91 ? 105 SER A CB  1 
ATOM   47  O OG  . SER A 1 6  ? -14.134 -7.537  10.135  1.00 48.49 ? 105 SER A OG  1 
ATOM   48  N N   . TYR A 1 7  ? -11.479 -5.879  8.683   1.00 40.24 ? 106 TYR A N   1 
ATOM   49  C CA  . TYR A 1 7  ? -11.254 -5.460  7.299   1.00 38.57 ? 106 TYR A CA  1 
ATOM   50  C C   . TYR A 1 7  ? -9.787  -5.562  6.917   1.00 35.44 ? 106 TYR A C   1 
ATOM   51  O O   . TYR A 1 7  ? -8.922  -5.011  7.606   1.00 33.27 ? 106 TYR A O   1 
ATOM   52  C CB  . TYR A 1 7  ? -11.753 -4.021  7.070   1.00 39.30 ? 106 TYR A CB  1 
ATOM   53  C CG  . TYR A 1 7  ? -11.815 -3.661  5.598   1.00 36.80 ? 106 TYR A CG  1 
ATOM   54  C CD1 . TYR A 1 7  ? -10.677 -3.212  4.917   1.00 38.71 ? 106 TYR A CD1 1 
ATOM   55  C CD2 . TYR A 1 7  ? -12.999 -3.814  4.873   1.00 37.55 ? 106 TYR A CD2 1 
ATOM   56  C CE1 . TYR A 1 7  ? -10.713 -2.929  3.547   1.00 36.56 ? 106 TYR A CE1 1 
ATOM   57  C CE2 . TYR A 1 7  ? -13.047 -3.530  3.493   1.00 37.77 ? 106 TYR A CE2 1 
ATOM   58  C CZ  . TYR A 1 7  ? -11.893 -3.091  2.844   1.00 37.77 ? 106 TYR A CZ  1 
ATOM   59  O OH  . TYR A 1 7  ? -11.907 -2.830  1.487   1.00 39.00 ? 106 TYR A OH  1 
ATOM   60  N N   . ASP A 1 8  ? -9.516  -6.273  5.821   1.00 35.65 ? 107 ASP A N   1 
ATOM   61  C CA  . ASP A 1 8  ? -8.148  -6.474  5.339   1.00 36.76 ? 107 ASP A CA  1 
ATOM   62  C C   . ASP A 1 8  ? -7.676  -5.279  4.565   1.00 35.42 ? 107 ASP A C   1 
ATOM   63  O O   . ASP A 1 8  ? -7.549  -5.339  3.336   1.00 33.82 ? 107 ASP A O   1 
ATOM   64  C CB  . ASP A 1 8  ? -8.037  -7.705  4.438   1.00 39.78 ? 107 ASP A CB  1 
ATOM   65  C CG  . ASP A 1 8  ? -7.862  -8.969  5.216   1.00 43.95 ? 107 ASP A CG  1 
ATOM   66  O OD1 . ASP A 1 8  ? -7.057  -8.971  6.165   1.00 49.80 ? 107 ASP A OD1 1 
ATOM   67  O OD2 . ASP A 1 8  ? -8.513  -9.973  4.880   1.00 48.12 ? 107 ASP A OD2 1 
ATOM   68  N N   . PHE A 1 9  ? -7.409  -4.202  5.289   1.00 34.49 ? 108 PHE A N   1 
ATOM   69  C CA  . PHE A 1 9  ? -6.965  -2.973  4.674   1.00 33.21 ? 108 PHE A CA  1 
ATOM   70  C C   . PHE A 1 9  ? -5.700  -3.182  3.871   1.00 33.69 ? 108 PHE A C   1 
ATOM   71  O O   . PHE A 1 9  ? -5.602  -2.714  2.736   1.00 30.37 ? 108 PHE A O   1 
ATOM   72  C CB  . PHE A 1 9  ? -6.706  -1.907  5.733   1.00 33.75 ? 108 PHE A CB  1 
ATOM   73  C CG  . PHE A 1 9  ? -6.182  -0.626  5.168   1.00 33.13 ? 108 PHE A CG  1 
ATOM   74  C CD1 . PHE A 1 9  ? -7.043  0.269   4.539   1.00 31.84 ? 108 PHE A CD1 1 
ATOM   75  C CD2 . PHE A 1 9  ? -4.833  -0.320  5.248   1.00 30.39 ? 108 PHE A CD2 1 
ATOM   76  C CE1 . PHE A 1 9  ? -6.562  1.448   4.003   1.00 32.89 ? 108 PHE A CE1 1 
ATOM   77  C CE2 . PHE A 1 9  ? -4.339  0.862   4.711   1.00 29.94 ? 108 PHE A CE2 1 
ATOM   78  C CZ  . PHE A 1 9  ? -5.204  1.749   4.088   1.00 32.37 ? 108 PHE A CZ  1 
HETATM 79  N N   . DAL A 1 10 ? -4.733  -3.866  4.481   1.00 33.17 ? 109 DAL A N   1 
HETATM 80  C CA  . DAL A 1 10 ? -3.437  -4.163  3.872   1.00 32.20 ? 109 DAL A CA  1 
HETATM 81  C CB  . DAL A 1 10 ? -2.518  -2.916  3.890   1.00 30.32 ? 109 DAL A CB  1 
HETATM 82  C C   . DAL A 1 10 ? -3.537  -4.735  2.461   1.00 32.80 ? 109 DAL A C   1 
HETATM 83  O O   . DAL A 1 10 ? -2.972  -4.210  1.495   1.00 29.79 ? 109 DAL A O   1 
ATOM   84  N N   . ASP A 1 11 ? -4.245  -5.846  2.367   1.00 33.38 ? 110 ASP A N   1 
ATOM   85  C CA  . ASP A 1 11 ? -4.408  -6.532  1.115   1.00 34.81 ? 110 ASP A CA  1 
ATOM   86  C C   . ASP A 1 11 ? -5.199  -5.699  0.115   1.00 33.12 ? 110 ASP A C   1 
ATOM   87  O O   . ASP A 1 11 ? -4.896  -5.732  -1.069  1.00 30.66 ? 110 ASP A O   1 
ATOM   88  C CB  . ASP A 1 11 ? -5.103  -7.878  1.352   1.00 37.00 ? 110 ASP A CB  1 
ATOM   89  C CG  . ASP A 1 11 ? -4.241  -8.861  2.128   1.00 38.81 ? 110 ASP A CG  1 
ATOM   90  O OD1 . ASP A 1 11 ? -3.107  -8.520  2.539   1.00 42.00 ? 110 ASP A OD1 1 
ATOM   91  O OD2 . ASP A 1 11 ? -4.707  -9.991  2.330   1.00 41.39 ? 110 ASP A OD2 1 
ATOM   92  N N   . GLU A 1 12 ? -6.221  -4.980  0.589   1.00 32.83 ? 111 GLU A N   1 
ATOM   93  C CA  . GLU A 1 12 ? -7.038  -4.152  -0.297  1.00 31.46 ? 111 GLU A CA  1 
ATOM   94  C C   . GLU A 1 12 ? -6.227  -3.005  -0.881  1.00 29.31 ? 111 GLU A C   1 
ATOM   95  O O   . GLU A 1 12 ? -6.505  -2.559  -1.994  1.00 28.78 ? 111 GLU A O   1 
ATOM   96  C CB  . GLU A 1 12 ? -8.255  -3.612  0.446   1.00 31.94 ? 111 GLU A CB  1 
ATOM   97  C CG  . GLU A 1 12 ? -9.336  -4.657  0.755   1.00 35.98 ? 111 GLU A CG  1 
ATOM   98  C CD  . GLU A 1 12 ? -10.050 -5.129  -0.499  1.00 39.14 ? 111 GLU A CD  1 
ATOM   99  O OE1 . GLU A 1 12 ? -10.329 -4.279  -1.374  1.00 41.88 ? 111 GLU A OE1 1 
ATOM   100 O OE2 . GLU A 1 12 ? -10.332 -6.341  -0.617  1.00 39.49 ? 111 GLU A OE2 1 
ATOM   101 N N   . ALA A 1 13 ? -5.264  -2.489  -0.118  1.00 29.09 ? 112 ALA A N   1 
ATOM   102 C CA  . ALA A 1 13 ? -4.411  -1.416  -0.611  1.00 29.81 ? 112 ALA A CA  1 
ATOM   103 C C   . ALA A 1 13 ? -3.483  -1.971  -1.691  1.00 29.81 ? 112 ALA A C   1 
ATOM   104 O O   . ALA A 1 13 ? -3.222  -1.302  -2.678  1.00 30.51 ? 112 ALA A O   1 
ATOM   105 C CB  . ALA A 1 13 ? -3.589  -0.800  0.546   1.00 30.48 ? 112 ALA A CB  1 
ATOM   106 N N   A GLU A 1 14 ? -2.956  -3.185  -1.507  0.50 30.35 ? 113 GLU A N   1 
ATOM   107 N N   B GLU A 1 14 ? -2.998  -3.194  -1.482  0.50 30.29 ? 113 GLU A N   1 
ATOM   108 C CA  A GLU A 1 14 ? -2.070  -3.757  -2.531  0.50 30.95 ? 113 GLU A CA  1 
ATOM   109 C CA  B GLU A 1 14 ? -2.121  -3.879  -2.434  0.50 31.09 ? 113 GLU A CA  1 
ATOM   110 C C   A GLU A 1 14 ? -2.870  -4.004  -3.795  0.50 31.40 ? 113 GLU A C   1 
ATOM   111 C C   B GLU A 1 14 ? -2.853  -4.050  -3.746  0.50 31.36 ? 113 GLU A C   1 
ATOM   112 O O   A GLU A 1 14 ? -2.378  -3.777  -4.901  0.50 31.49 ? 113 GLU A O   1 
ATOM   113 O O   B GLU A 1 14 ? -2.301  -3.821  -4.821  0.50 31.54 ? 113 GLU A O   1 
ATOM   114 C CB  A GLU A 1 14 ? -1.437  -5.071  -2.066  0.50 32.31 ? 113 GLU A CB  1 
ATOM   115 C CB  B GLU A 1 14 ? -1.756  -5.270  -1.915  0.50 32.24 ? 113 GLU A CB  1 
ATOM   116 C CG  A GLU A 1 14 ? -0.788  -5.916  -3.182  0.50 32.57 ? 113 GLU A CG  1 
ATOM   117 C CG  B GLU A 1 14 ? -0.404  -5.376  -1.254  0.50 32.90 ? 113 GLU A CG  1 
ATOM   118 C CD  A GLU A 1 14 ? 0.301   -5.188  -3.975  0.50 34.26 ? 113 GLU A CD  1 
ATOM   119 C CD  B GLU A 1 14 ? -0.334  -6.538  -0.283  0.50 33.50 ? 113 GLU A CD  1 
ATOM   120 O OE1 A GLU A 1 14 ? 0.055   -4.860  -5.163  0.50 32.79 ? 113 GLU A OE1 1 
ATOM   121 O OE1 B GLU A 1 14 ? -0.746  -7.660  -0.649  0.50 35.02 ? 113 GLU A OE1 1 
ATOM   122 O OE2 A GLU A 1 14 ? 1.402   -4.943  -3.415  0.50 33.03 ? 113 GLU A OE2 1 
ATOM   123 O OE2 B GLU A 1 14 ? 0.140   -6.326  0.849   0.50 33.14 ? 113 GLU A OE2 1 
ATOM   124 N N   . LYS A 1 15 ? -4.106  -4.470  -3.635  1.00 31.46 ? 114 LYS A N   1 
ATOM   125 C CA  . LYS A 1 15 ? -4.966  -4.704  -4.786  1.00 32.86 ? 114 LYS A CA  1 
ATOM   126 C C   . LYS A 1 15 ? -5.206  -3.390  -5.558  1.00 31.62 ? 114 LYS A C   1 
ATOM   127 O O   . LYS A 1 15 ? -5.214  -3.344  -6.814  1.00 30.34 ? 114 LYS A O   1 
ATOM   128 C CB  . LYS A 1 15 ? -6.276  -5.310  -4.281  1.00 36.21 ? 114 LYS A CB  1 
ATOM   129 C CG  . LYS A 1 15 ? -7.282  -5.658  -5.351  1.00 41.49 ? 114 LYS A CG  1 
ATOM   130 C CD  . LYS A 1 15 ? -8.546  -6.262  -4.738  1.00 44.41 ? 114 LYS A CD  1 
ATOM   131 C CE  . LYS A 1 15 ? -9.506  -6.721  -5.833  1.00 46.92 ? 114 LYS A CE  1 
ATOM   132 N NZ  . LYS A 1 15 ? -9.760  -5.627  -6.833  1.00 47.07 ? 114 LYS A NZ  1 
ATOM   133 N N   . LEU A 1 16 ? -5.388  -2.306  -4.811  1.00 30.51 ? 115 LEU A N   1 
ATOM   134 C CA  . LEU A 1 16 ? -5.616  -1.001  -5.425  1.00 30.23 ? 115 LEU A CA  1 
ATOM   135 C C   . LEU A 1 16 ? -4.359  -0.553  -6.169  1.00 30.44 ? 115 LEU A C   1 
ATOM   136 O O   . LEU A 1 16 ? -4.450  -0.036  -7.279  1.00 30.05 ? 115 LEU A O   1 
ATOM   137 C CB  . LEU A 1 16 ? -6.017  0.008   -4.353  1.00 30.81 ? 115 LEU A CB  1 
ATOM   138 C CG  . LEU A 1 16 ? -6.258  1.465   -4.730  1.00 34.36 ? 115 LEU A CG  1 
ATOM   139 C CD1 . LEU A 1 16 ? -7.161  1.573   -5.968  1.00 37.25 ? 115 LEU A CD1 1 
ATOM   140 C CD2 . LEU A 1 16 ? -6.890  2.148   -3.538  1.00 34.56 ? 115 LEU A CD2 1 
ATOM   141 N N   . LEU A 1 17 ? -3.189  -0.757  -5.569  1.00 30.71 ? 116 LEU A N   1 
ATOM   142 C CA  . LEU A 1 17 ? -1.938  -0.395  -6.226  1.00 30.84 ? 116 LEU A CA  1 
ATOM   143 C C   . LEU A 1 17 ? -1.788  -1.130  -7.553  1.00 32.37 ? 116 LEU A C   1 
ATOM   144 O O   . LEU A 1 17 ? -1.375  -0.532  -8.549  1.00 32.19 ? 116 LEU A O   1 
ATOM   145 C CB  . LEU A 1 17 ? -0.738  -0.711  -5.328  1.00 29.47 ? 116 LEU A CB  1 
ATOM   146 C CG  . LEU A 1 17 ? -0.609  0.172   -4.081  1.00 30.42 ? 116 LEU A CG  1 
ATOM   147 C CD1 . LEU A 1 17 ? 0.393   -0.465  -3.109  1.00 29.25 ? 116 LEU A CD1 1 
ATOM   148 C CD2 . LEU A 1 17 ? -0.168  1.579   -4.472  1.00 31.00 ? 116 LEU A CD2 1 
ATOM   149 N N   A ARG A 1 18 ? -2.094  -2.429  -7.594  0.50 33.66 ? 117 ARG A N   1 
ATOM   150 N N   B ARG A 1 18 ? -2.128  -2.413  -7.561  0.50 33.54 ? 117 ARG A N   1 
ATOM   151 C CA  A ARG A 1 18 ? -1.981  -3.128  -8.871  0.50 36.34 ? 117 ARG A CA  1 
ATOM   152 C CA  B ARG A 1 18 ? -2.043  -3.206  -8.780  0.50 36.21 ? 117 ARG A CA  1 
ATOM   153 C C   A ARG A 1 18 ? -3.113  -2.709  -9.824  0.50 36.79 ? 117 ARG A C   1 
ATOM   154 C C   B ARG A 1 18 ? -3.104  -2.740  -9.788  0.50 36.68 ? 117 ARG A C   1 
ATOM   155 O O   A ARG A 1 18 ? -2.877  -2.509  -11.015 0.50 36.64 ? 117 ARG A O   1 
ATOM   156 O O   B ARG A 1 18 ? -2.813  -2.524  -10.965 0.50 36.59 ? 117 ARG A O   1 
ATOM   157 C CB  A ARG A 1 18 ? -1.939  -4.658  -8.692  0.50 38.24 ? 117 ARG A CB  1 
ATOM   158 C CB  B ARG A 1 18 ? -2.250  -4.687  -8.453  0.50 37.87 ? 117 ARG A CB  1 
ATOM   159 C CG  A ARG A 1 18 ? -2.914  -5.277  -7.704  0.50 39.26 ? 117 ARG A CG  1 
ATOM   160 C CG  B ARG A 1 18 ? -2.064  -5.614  -9.641  0.50 39.09 ? 117 ARG A CG  1 
ATOM   161 C CD  A ARG A 1 18 ? -2.959  -6.807  -7.871  0.50 40.47 ? 117 ARG A CD  1 
ATOM   162 C CD  B ARG A 1 18 ? -0.748  -5.309  -10.346 0.50 40.10 ? 117 ARG A CD  1 
ATOM   163 N NE  A ARG A 1 18 ? -3.616  -7.479  -6.750  0.50 40.68 ? 117 ARG A NE  1 
ATOM   164 N NE  B ARG A 1 18 ? 0.387   -5.369  -9.429  0.50 41.74 ? 117 ARG A NE  1 
ATOM   165 C CZ  A ARG A 1 18 ? -3.000  -7.814  -5.619  0.50 41.00 ? 117 ARG A CZ  1 
ATOM   166 C CZ  B ARG A 1 18 ? 1.644   -5.146  -9.784  0.50 41.30 ? 117 ARG A CZ  1 
ATOM   167 N NH1 A ARG A 1 18 ? -1.714  -7.552  -5.463  0.50 41.90 ? 117 ARG A NH1 1 
ATOM   168 N NH1 B ARG A 1 18 ? 1.937   -4.841  -11.041 0.50 43.19 ? 117 ARG A NH1 1 
ATOM   169 N NH2 A ARG A 1 18 ? -3.674  -8.392  -4.637  0.50 42.13 ? 117 ARG A NH2 1 
ATOM   170 N NH2 B ARG A 1 18 ? 2.612   -5.236  -8.885  0.50 42.84 ? 117 ARG A NH2 1 
ATOM   171 N N   . ASP A 1 19 ? -4.332  -2.552  -9.312  1.00 37.27 ? 118 ASP A N   1 
ATOM   172 C CA  . ASP A 1 19 ? -5.440  -2.123  -10.170 1.00 37.21 ? 118 ASP A CA  1 
ATOM   173 C C   . ASP A 1 19 ? -5.232  -0.763  -10.835 1.00 38.07 ? 118 ASP A C   1 
ATOM   174 O O   . ASP A 1 19 ? -5.717  -0.538  -11.942 1.00 38.01 ? 118 ASP A O   1 
ATOM   175 C CB  . ASP A 1 19 ? -6.756  -2.076  -9.391  1.00 39.28 ? 118 ASP A CB  1 
ATOM   176 C CG  . ASP A 1 19 ? -7.303  -3.453  -9.091  1.00 40.65 ? 118 ASP A CG  1 
ATOM   177 O OD1 . ASP A 1 19 ? -8.310  -3.535  -8.366  1.00 42.82 ? 118 ASP A OD1 1 
ATOM   178 O OD2 . ASP A 1 19 ? -6.726  -4.443  -9.577  1.00 43.14 ? 118 ASP A OD2 1 
ATOM   179 N N   . ALA A 1 20 ? -4.521  0.138   -10.159 1.00 34.23 ? 119 ALA A N   1 
ATOM   180 C CA  . ALA A 1 20 ? -4.247  1.473   -10.678 1.00 37.16 ? 119 ALA A CA  1 
ATOM   181 C C   . ALA A 1 20 ? -3.060  1.498   -11.631 1.00 38.10 ? 119 ALA A C   1 
ATOM   182 O O   . ALA A 1 20 ? -2.875  2.443   -12.394 1.00 36.73 ? 119 ALA A O   1 
ATOM   183 C CB  . ALA A 1 20 ? -3.984  2.421   -9.517  1.00 37.12 ? 119 ALA A CB  1 
HETATM 184 N N   . DBZ A 1 21 ? -2.259  0.446   -11.595 1.00 41.16 ? 120 DBZ A N   1 
HETATM 185 C CA  . DBZ A 1 21 ? -1.073  0.375   -12.433 1.00 43.72 ? 120 DBZ A CA  1 
HETATM 186 C CB  . DBZ A 1 21 ? 0.044   -0.266  -11.609 1.00 41.43 ? 120 DBZ A CB  1 
HETATM 187 N NG  . DBZ A 1 21 ? 0.231   0.687   -10.511 1.00 40.47 ? 120 DBZ A NG  1 
HETATM 188 C CD2 . DBZ A 1 21 ? 0.986   1.778   -10.608 1.00 41.12 ? 120 DBZ A CD2 1 
HETATM 189 O OD2 . DBZ A 1 21 ? 1.601   2.051   -11.633 1.00 43.24 ? 120 DBZ A OD2 1 
HETATM 190 C C1  . DBZ A 1 21 ? 1.096   2.698   -9.443  1.00 38.74 ? 120 DBZ A C1  1 
HETATM 191 C C2  . DBZ A 1 21 ? 2.204   3.534   -9.372  1.00 37.14 ? 120 DBZ A C2  1 
HETATM 192 C C6  . DBZ A 1 21 ? 0.146   2.756   -8.428  1.00 37.49 ? 120 DBZ A C6  1 
HETATM 193 C C3  . DBZ A 1 21 ? 2.375   4.418   -8.297  1.00 37.13 ? 120 DBZ A C3  1 
HETATM 194 C C5  . DBZ A 1 21 ? 0.306   3.639   -7.353  1.00 35.38 ? 120 DBZ A C5  1 
HETATM 195 C C4  . DBZ A 1 21 ? 1.429   4.469   -7.294  1.00 34.78 ? 120 DBZ A C4  1 
HETATM 196 C C   . DBZ A 1 21 ? -1.341  -0.408  -13.718 1.00 46.90 ? 120 DBZ A C   1 
HETATM 197 O OXT . DBZ A 1 21 ? -2.309  -0.130  -14.438 1.00 48.11 ? 120 DBZ A OXT 1 
ATOM   198 N N   . GLY A 1 22 ? -0.496  -1.389  -14.006 1.00 49.01 ? 121 GLY A N   1 
ATOM   199 C CA  . GLY A 1 22 ? -0.701  -2.193  -15.198 1.00 52.79 ? 121 GLY A CA  1 
ATOM   200 C C   . GLY A 1 22 ? -2.178  -2.467  -15.445 1.00 54.12 ? 121 GLY A C   1 
ATOM   201 O O   . GLY A 1 22 ? -2.643  -2.455  -16.592 1.00 56.52 ? 121 GLY A O   1 
ATOM   202 O OXT . GLY A 1 22 ? -2.929  -2.699  -14.370 1.00 56.84 ? 121 GLY A OXT 1 
HETATM 203 C C   . ACE B 2 1  ? 6.158   -0.419  -9.081  1.00 50.97 ? 200 ACE B C   1 
HETATM 204 O O   . ACE B 2 1  ? 5.550   -0.291  -10.151 1.00 52.84 ? 200 ACE B O   1 
HETATM 205 C CH3 . ACE B 2 1  ? 7.242   -1.460  -8.904  1.00 49.70 ? 200 ACE B CH3 1 
ATOM   206 N N   . TYR B 2 2  ? 5.903   0.344   -8.018  1.00 45.96 ? 201 TYR B N   1 
ATOM   207 C CA  . TYR B 2 2  ? 4.864   1.358   -8.129  1.00 41.46 ? 201 TYR B CA  1 
ATOM   208 C C   . TYR B 2 2  ? 5.495   2.744   -8.001  1.00 41.20 ? 201 TYR B C   1 
ATOM   209 O O   . TYR B 2 2  ? 5.706   3.249   -6.893  1.00 39.43 ? 201 TYR B O   1 
ATOM   210 C CB  . TYR B 2 2  ? 3.819   1.145   -7.031  1.00 40.12 ? 201 TYR B CB  1 
ATOM   211 C CG  . TYR B 2 2  ? 3.173   -0.221  -7.057  1.00 39.35 ? 201 TYR B CG  1 
ATOM   212 C CD1 . TYR B 2 2  ? 3.225   -1.068  -5.943  1.00 35.90 ? 201 TYR B CD1 1 
ATOM   213 C CD2 . TYR B 2 2  ? 2.498   -0.665  -8.193  1.00 37.82 ? 201 TYR B CD2 1 
ATOM   214 C CE1 . TYR B 2 2  ? 2.609   -2.337  -5.970  1.00 38.20 ? 201 TYR B CE1 1 
ATOM   215 C CE2 . TYR B 2 2  ? 1.894   -1.911  -8.231  1.00 37.32 ? 201 TYR B CE2 1 
ATOM   216 C CZ  . TYR B 2 2  ? 1.950   -2.742  -7.118  1.00 37.67 ? 201 TYR B CZ  1 
ATOM   217 O OH  . TYR B 2 2  ? 1.343   -3.975  -7.169  1.00 39.80 ? 201 TYR B OH  1 
ATOM   218 N N   . ARG B 2 3  ? 5.770   3.370   -9.139  1.00 40.49 ? 202 ARG B N   1 
ATOM   219 C CA  . ARG B 2 3  ? 6.403   4.671   -9.142  1.00 40.88 ? 202 ARG B CA  1 
ATOM   220 C C   . ARG B 2 3  ? 5.663   5.751   -9.909  1.00 41.94 ? 202 ARG B C   1 
ATOM   221 O O   . ARG B 2 3  ? 4.967   5.472   -10.881 1.00 40.98 ? 202 ARG B O   1 
ATOM   222 C CB  . ARG B 2 3  ? 7.813   4.541   -9.729  1.00 44.58 ? 202 ARG B CB  1 
ATOM   223 C CG  . ARG B 2 3  ? 8.692   3.532   -9.014  1.00 46.19 ? 202 ARG B CG  1 
ATOM   224 C CD  . ARG B 2 3  ? 10.089  3.537   -9.597  1.00 48.16 ? 202 ARG B CD  1 
ATOM   225 N NE  . ARG B 2 3  ? 11.055  2.897   -8.704  1.00 48.87 ? 202 ARG B NE  1 
ATOM   226 C CZ  . ARG B 2 3  ? 12.131  3.500   -8.198  1.00 51.37 ? 202 ARG B CZ  1 
ATOM   227 N NH1 . ARG B 2 3  ? 12.391  4.769   -8.495  1.00 50.16 ? 202 ARG B NH1 1 
ATOM   228 N NH2 . ARG B 2 3  ? 12.948  2.833   -7.390  1.00 51.54 ? 202 ARG B NH2 1 
ATOM   229 N N   . ILE B 2 4  ? 5.811   6.984   -9.437  1.00 40.61 ? 203 ILE B N   1 
ATOM   230 C CA  . ILE B 2 4  ? 5.248   8.163   -10.090 1.00 42.04 ? 203 ILE B CA  1 
ATOM   231 C C   . ILE B 2 4  ? 6.569   8.758   -10.593 1.00 43.42 ? 203 ILE B C   1 
ATOM   232 O O   . ILE B 2 4  ? 7.329   9.355   -9.818  1.00 41.37 ? 203 ILE B O   1 
ATOM   233 C CB  . ILE B 2 4  ? 4.613   9.145   -9.074  1.00 42.03 ? 203 ILE B CB  1 
ATOM   234 C CG1 . ILE B 2 4  ? 3.645   8.409   -8.138  1.00 41.51 ? 203 ILE B CG1 1 
ATOM   235 C CG2 . ILE B 2 4  ? 3.915   10.276  -9.818  1.00 39.69 ? 203 ILE B CG2 1 
ATOM   236 C CD1 . ILE B 2 4  ? 2.350   7.943   -8.787  1.00 43.79 ? 203 ILE B CD1 1 
HETATM 237 N N   . DPR B 2 5  ? 6.859   8.610   -11.898 1.00 44.76 ? 204 DPR B N   1 
HETATM 238 C CA  . DPR B 2 5  ? 8.143   9.173   -12.324 1.00 43.86 ? 204 DPR B CA  1 
HETATM 239 C CB  . DPR B 2 5  ? 8.111   8.989   -13.845 1.00 45.87 ? 204 DPR B CB  1 
HETATM 240 C CG  . DPR B 2 5  ? 6.648   9.196   -14.167 1.00 44.08 ? 204 DPR B CG  1 
HETATM 241 C CD  . DPR B 2 5  ? 5.961   8.408   -13.055 1.00 46.31 ? 204 DPR B CD  1 
HETATM 242 C C   . DPR B 2 5  ? 9.207   8.297   -11.660 1.00 42.72 ? 204 DPR B C   1 
HETATM 243 O O   . DPR B 2 5  ? 9.082   7.070   -11.640 1.00 42.95 ? 204 DPR B O   1 
ATOM   244 N N   . SER B 2 6  ? 10.238  8.906   -11.088 1.00 40.75 ? 205 SER B N   1 
ATOM   245 C CA  . SER B 2 6  ? 11.272  8.126   -10.434 1.00 37.90 ? 205 SER B CA  1 
ATOM   246 C C   . SER B 2 6  ? 11.019  7.935   -8.938  1.00 37.69 ? 205 SER B C   1 
ATOM   247 O O   . SER B 2 6  ? 11.810  7.281   -8.261  1.00 37.09 ? 205 SER B O   1 
ATOM   248 C CB  . SER B 2 6  ? 12.638  8.785   -10.648 1.00 39.99 ? 205 SER B CB  1 
ATOM   249 O OG  . SER B 2 6  ? 12.619  10.137  -10.213 1.00 43.18 ? 205 SER B OG  1 
ATOM   250 N N   . TYR B 2 7  ? 9.918   8.490   -8.430  1.00 36.09 ? 206 TYR B N   1 
ATOM   251 C CA  . TYR B 2 7  ? 9.564   8.392   -7.002  1.00 36.29 ? 206 TYR B CA  1 
ATOM   252 C C   . TYR B 2 7  ? 8.899   7.055   -6.709  1.00 36.51 ? 206 TYR B C   1 
ATOM   253 O O   . TYR B 2 7  ? 7.938   6.680   -7.380  1.00 36.66 ? 206 TYR B O   1 
ATOM   254 C CB  . TYR B 2 7  ? 8.623   9.554   -6.622  1.00 33.80 ? 206 TYR B CB  1 
ATOM   255 C CG  . TYR B 2 7  ? 8.375   9.726   -5.137  1.00 33.81 ? 206 TYR B CG  1 
ATOM   256 C CD1 . TYR B 2 7  ? 7.485   8.903   -4.444  1.00 31.24 ? 206 TYR B CD1 1 
ATOM   257 C CD2 . TYR B 2 7  ? 9.035   10.721  -4.429  1.00 34.27 ? 206 TYR B CD2 1 
ATOM   258 C CE1 . TYR B 2 7  ? 7.260   9.078   -3.072  1.00 32.06 ? 206 TYR B CE1 1 
ATOM   259 C CE2 . TYR B 2 7  ? 8.822   10.907  -3.071  1.00 35.04 ? 206 TYR B CE2 1 
ATOM   260 C CZ  . TYR B 2 7  ? 7.941   10.097  -2.396  1.00 32.63 ? 206 TYR B CZ  1 
ATOM   261 O OH  . TYR B 2 7  ? 7.748   10.322  -1.057  1.00 31.96 ? 206 TYR B OH  1 
ATOM   262 N N   . ASP B 2 8  ? 9.409   6.342   -5.710  1.00 36.44 ? 207 ASP B N   1 
ATOM   263 C CA  . ASP B 2 8  ? 8.884   5.029   -5.335  1.00 35.06 ? 207 ASP B CA  1 
ATOM   264 C C   . ASP B 2 8  ? 7.788   5.149   -4.300  1.00 34.76 ? 207 ASP B C   1 
ATOM   265 O O   . ASP B 2 8  ? 8.034   5.049   -3.097  1.00 33.76 ? 207 ASP B O   1 
ATOM   266 C CB  . ASP B 2 8  ? 9.998   4.144   -4.767  1.00 36.57 ? 207 ASP B CB  1 
ATOM   267 C CG  . ASP B 2 8  ? 9.624   2.675   -4.752  1.00 36.16 ? 207 ASP B CG  1 
ATOM   268 O OD1 . ASP B 2 8  ? 8.423   2.374   -4.684  1.00 36.83 ? 207 ASP B OD1 1 
ATOM   269 O OD2 . ASP B 2 8  ? 10.528  1.820   -4.796  1.00 38.12 ? 207 ASP B OD2 1 
ATOM   270 N N   . PHE B 2 9  ? 6.572   5.372   -4.779  1.00 33.41 ? 208 PHE B N   1 
ATOM   271 C CA  . PHE B 2 9  ? 5.404   5.505   -3.925  1.00 32.22 ? 208 PHE B CA  1 
ATOM   272 C C   . PHE B 2 9  ? 5.191   4.221   -3.139  1.00 33.73 ? 208 PHE B C   1 
ATOM   273 O O   . PHE B 2 9  ? 4.880   4.254   -1.943  1.00 34.12 ? 208 PHE B O   1 
ATOM   274 C CB  . PHE B 2 9  ? 4.161   5.773   -4.777  1.00 31.83 ? 208 PHE B CB  1 
ATOM   275 C CG  . PHE B 2 9  ? 2.921   5.985   -3.972  1.00 30.95 ? 208 PHE B CG  1 
ATOM   276 C CD1 . PHE B 2 9  ? 2.652   7.229   -3.418  1.00 33.98 ? 208 PHE B CD1 1 
ATOM   277 C CD2 . PHE B 2 9  ? 2.052   4.931   -3.718  1.00 30.53 ? 208 PHE B CD2 1 
ATOM   278 C CE1 . PHE B 2 9  ? 1.532   7.430   -2.616  1.00 34.71 ? 208 PHE B CE1 1 
ATOM   279 C CE2 . PHE B 2 9  ? 0.916   5.116   -2.911  1.00 31.21 ? 208 PHE B CE2 1 
ATOM   280 C CZ  . PHE B 2 9  ? 0.661   6.371   -2.359  1.00 33.28 ? 208 PHE B CZ  1 
HETATM 281 N N   . DAL B 2 10 ? 5.321   3.093   -3.840  1.00 33.89 ? 209 DAL B N   1 
HETATM 282 C CA  . DAL B 2 10 ? 5.157   1.769   -3.259  1.00 32.39 ? 209 DAL B CA  1 
HETATM 283 C CB  . DAL B 2 10 ? 3.651   1.465   -3.010  1.00 32.85 ? 209 DAL B CB  1 
HETATM 284 C C   . DAL B 2 10 ? 5.957   1.619   -1.967  1.00 31.88 ? 209 DAL B C   1 
HETATM 285 O O   . DAL B 2 10 ? 5.431   1.209   -0.916  1.00 30.90 ? 209 DAL B O   1 
ATOM   286 N N   . ASP B 2 11 ? 7.240   1.937   -2.066  1.00 30.86 ? 210 ASP B N   1 
ATOM   287 C CA  . ASP B 2 11 ? 8.159   1.842   -0.930  1.00 33.71 ? 210 ASP B CA  1 
ATOM   288 C C   . ASP B 2 11 ? 7.753   2.770   0.221   1.00 31.42 ? 210 ASP B C   1 
ATOM   289 O O   . ASP B 2 11 ? 7.732   2.363   1.385   1.00 28.82 ? 210 ASP B O   1 
ATOM   290 C CB  . ASP B 2 11 ? 9.591   2.187   -1.382  1.00 34.45 ? 210 ASP B CB  1 
ATOM   291 C CG  . ASP B 2 11 ? 10.588  2.193   -0.241  1.00 36.90 ? 210 ASP B CG  1 
ATOM   292 O OD1 . ASP B 2 11 ? 10.777  1.128   0.385   1.00 39.55 ? 210 ASP B OD1 1 
ATOM   293 O OD2 . ASP B 2 11 ? 11.185  3.258   0.026   1.00 37.00 ? 210 ASP B OD2 1 
ATOM   294 N N   . LYS B 2 12 ? 7.434   4.020   -0.098  1.00 30.48 ? 211 LYS B N   1 
ATOM   295 C CA  . LYS B 2 12 ? 7.061   4.941   0.963   1.00 29.86 ? 211 LYS B CA  1 
ATOM   296 C C   . LYS B 2 12 ? 5.738   4.548   1.601   1.00 27.45 ? 211 LYS B C   1 
ATOM   297 O O   . LYS B 2 12 ? 5.554   4.717   2.797   1.00 28.06 ? 211 LYS B O   1 
ATOM   298 C CB  . LYS B 2 12 ? 6.985   6.372   0.425   1.00 31.02 ? 211 LYS B CB  1 
ATOM   299 C CG  . LYS B 2 12 ? 8.316   6.916   -0.122  1.00 34.87 ? 211 LYS B CG  1 
ATOM   300 C CD  . LYS B 2 12 ? 8.798   8.139   0.677   1.00 39.39 ? 211 LYS B CD  1 
ATOM   301 C CE  . LYS B 2 12 ? 9.311   7.754   2.053   1.00 42.76 ? 211 LYS B CE  1 
ATOM   302 N NZ  . LYS B 2 12 ? 9.604   8.945   2.912   1.00 42.25 ? 211 LYS B NZ  1 
ATOM   303 N N   . PHE B 2 13 ? 4.807   4.013   0.810   1.00 27.95 ? 212 PHE B N   1 
ATOM   304 C CA  . PHE B 2 13 ? 3.526   3.628   1.377   1.00 29.56 ? 212 PHE B CA  1 
ATOM   305 C C   . PHE B 2 13 ? 3.736   2.456   2.333   1.00 29.69 ? 212 PHE B C   1 
ATOM   306 O O   . PHE B 2 13 ? 3.123   2.381   3.382   1.00 30.94 ? 212 PHE B O   1 
ATOM   307 C CB  . PHE B 2 13 ? 2.525   3.248   0.274   1.00 30.93 ? 212 PHE B CB  1 
ATOM   308 C CG  . PHE B 2 13 ? 1.157   2.868   0.804   1.00 33.03 ? 212 PHE B CG  1 
ATOM   309 C CD1 . PHE B 2 13 ? 0.352   3.816   1.443   1.00 35.04 ? 212 PHE B CD1 1 
ATOM   310 C CD2 . PHE B 2 13 ? 0.690   1.556   0.698   1.00 35.59 ? 212 PHE B CD2 1 
ATOM   311 C CE1 . PHE B 2 13 ? -0.903  3.467   1.971   1.00 34.85 ? 212 PHE B CE1 1 
ATOM   312 C CE2 . PHE B 2 13 ? -0.556  1.193   1.220   1.00 35.50 ? 212 PHE B CE2 1 
ATOM   313 C CZ  . PHE B 2 13 ? -1.354  2.151   1.859   1.00 36.92 ? 212 PHE B CZ  1 
ATOM   314 N N   . LYS B 2 14 ? 4.595   1.520   1.960   1.00 31.34 ? 213 LYS B N   1 
ATOM   315 C CA  . LYS B 2 14 ? 4.853   0.379   2.825   1.00 31.69 ? 213 LYS B CA  1 
ATOM   316 C C   . LYS B 2 14 ? 5.486   0.883   4.130   1.00 31.17 ? 213 LYS B C   1 
ATOM   317 O O   . LYS B 2 14 ? 5.129   0.428   5.216   1.00 34.10 ? 213 LYS B O   1 
ATOM   318 C CB  . LYS B 2 14 ? 5.784   -0.597  2.095   1.00 34.84 ? 213 LYS B CB  1 
ATOM   319 C CG  . LYS B 2 14 ? 6.042   -1.920  2.789   1.00 39.31 ? 213 LYS B CG  1 
ATOM   320 C CD  . LYS B 2 14 ? 6.993   -2.764  1.934   1.00 40.67 ? 213 LYS B CD  1 
ATOM   321 C CE  . LYS B 2 14 ? 7.244   -4.146  2.552   1.00 43.75 ? 213 LYS B CE  1 
ATOM   322 N NZ  . LYS B 2 14 ? 8.005   -5.053  1.645   1.00 44.40 ? 213 LYS B NZ  1 
ATOM   323 N N   . LYS B 2 15 ? 6.406   1.837   4.036   1.00 31.39 ? 214 LYS B N   1 
ATOM   324 C CA  . LYS B 2 15 ? 7.032   2.369   5.248   1.00 31.80 ? 214 LYS B CA  1 
ATOM   325 C C   . LYS B 2 15 ? 6.009   3.080   6.109   1.00 30.92 ? 214 LYS B C   1 
ATOM   326 O O   . LYS B 2 15 ? 6.073   3.017   7.341   1.00 28.92 ? 214 LYS B O   1 
ATOM   327 C CB  . LYS B 2 15 ? 8.152   3.348   4.913   1.00 31.57 ? 214 LYS B CB  1 
ATOM   328 C CG  . LYS B 2 15 ? 9.361   2.726   4.255   1.00 34.54 ? 214 LYS B CG  1 
ATOM   329 C CD  . LYS B 2 15 ? 10.328  3.834   3.838   1.00 40.21 ? 214 LYS B CD  1 
ATOM   330 C CE  . LYS B 2 15 ? 11.490  3.322   3.007   1.00 42.58 ? 214 LYS B CE  1 
ATOM   331 N NZ  . LYS B 2 15 ? 12.198  2.252   3.738   1.00 46.07 ? 214 LYS B NZ  1 
ATOM   332 N N   . LEU B 2 16 ? 5.068   3.778   5.473   1.00 27.80 ? 215 LEU B N   1 
ATOM   333 C CA  . LEU B 2 16 ? 4.046   4.479   6.241   1.00 30.18 ? 215 LEU B CA  1 
ATOM   334 C C   . LEU B 2 16 ? 3.154   3.503   6.991   1.00 28.51 ? 215 LEU B C   1 
ATOM   335 O O   . LEU B 2 16 ? 2.809   3.756   8.141   1.00 28.82 ? 215 LEU B O   1 
ATOM   336 C CB  . LEU B 2 16 ? 3.224   5.399   5.336   1.00 32.62 ? 215 LEU B CB  1 
ATOM   337 C CG  . LEU B 2 16 ? 1.755   5.610   5.681   1.00 36.02 ? 215 LEU B CG  1 
ATOM   338 C CD1 . LEU B 2 16 ? 1.238   6.872   5.059   1.00 35.63 ? 215 LEU B CD1 1 
ATOM   339 C CD2 . LEU B 2 16 ? 0.985   4.403   5.151   1.00 41.56 ? 215 LEU B CD2 1 
ATOM   340 N N   . LEU B 2 17 ? 2.769   2.389   6.359   1.00 29.24 ? 216 LEU B N   1 
ATOM   341 C CA  . LEU B 2 17 ? 1.959   1.386   7.065   1.00 30.57 ? 216 LEU B CA  1 
ATOM   342 C C   . LEU B 2 17 ? 2.688   0.896   8.320   1.00 31.96 ? 216 LEU B C   1 
ATOM   343 O O   . LEU B 2 17 ? 2.065   0.649   9.347   1.00 32.82 ? 216 LEU B O   1 
ATOM   344 C CB  . LEU B 2 17 ? 1.682   0.173   6.174   1.00 30.37 ? 216 LEU B CB  1 
ATOM   345 C CG  . LEU B 2 17 ? 0.758   0.361   4.968   1.00 29.57 ? 216 LEU B CG  1 
ATOM   346 C CD1 . LEU B 2 17 ? 0.752   -0.925  4.168   1.00 32.85 ? 216 LEU B CD1 1 
ATOM   347 C CD2 . LEU B 2 17 ? -0.641  0.719   5.432   1.00 32.24 ? 216 LEU B CD2 1 
ATOM   348 N N   . ARG B 2 18 ? 4.005   0.740   8.221   1.00 35.19 ? 217 ARG B N   1 
ATOM   349 C CA  . ARG B 2 18 ? 4.832   0.284   9.348   1.00 38.63 ? 217 ARG B CA  1 
ATOM   350 C C   . ARG B 2 18 ? 4.904   1.371   10.411  1.00 38.66 ? 217 ARG B C   1 
ATOM   351 O O   . ARG B 2 18 ? 4.714   1.116   11.607  1.00 37.52 ? 217 ARG B O   1 
ATOM   352 C CB  . ARG B 2 18 ? 6.250   -0.054  8.880   1.00 40.41 ? 217 ARG B CB  1 
ATOM   353 C CG  . ARG B 2 18 ? 6.498   -1.512  8.562   1.00 45.33 ? 217 ARG B CG  1 
ATOM   354 C CD  . ARG B 2 18 ? 5.646   -2.026  7.420   1.00 49.38 ? 217 ARG B CD  1 
ATOM   355 N NE  . ARG B 2 18 ? 6.168   -3.275  6.852   1.00 51.70 ? 217 ARG B NE  1 
ATOM   356 C CZ  . ARG B 2 18 ? 5.479   -4.062  6.026   1.00 54.65 ? 217 ARG B CZ  1 
ATOM   357 N NH1 . ARG B 2 18 ? 4.244   -3.738  5.674   1.00 53.14 ? 217 ARG B NH1 1 
ATOM   358 N NH2 . ARG B 2 18 ? 6.019   -5.170  5.545   1.00 58.86 ? 217 ARG B NH2 1 
ATOM   359 N N   . LYS B 2 19 ? 5.183   2.591   9.975   1.00 38.42 ? 218 LYS B N   1 
ATOM   360 C CA  . LYS B 2 19 ? 5.254   3.698   10.916  1.00 39.79 ? 218 LYS B CA  1 
ATOM   361 C C   . LYS B 2 19 ? 3.948   3.834   11.711  1.00 39.58 ? 218 LYS B C   1 
ATOM   362 O O   . LYS B 2 19 ? 3.964   4.024   12.927  1.00 40.87 ? 218 LYS B O   1 
ATOM   363 C CB  . LYS B 2 19 ? 5.567   5.000   10.175  1.00 40.50 ? 218 LYS B CB  1 
ATOM   364 C CG  . LYS B 2 19 ? 6.964   5.020   9.538   1.00 43.57 ? 218 LYS B CG  1 
ATOM   365 C CD  . LYS B 2 19 ? 7.436   6.445   9.221   1.00 43.34 ? 218 LYS B CD  1 
ATOM   366 C CE  . LYS B 2 19 ? 6.579   7.111   8.153   1.00 43.93 ? 218 LYS B CE  1 
ATOM   367 N NZ  . LYS B 2 19 ? 7.014   8.528   7.885   1.00 44.62 ? 218 LYS B NZ  1 
ATOM   368 N N   . ALA B 2 20 ? 2.819   3.696   11.023  1.00 37.89 ? 219 ALA B N   1 
ATOM   369 C CA  . ALA B 2 20 ? 1.514   3.824   11.641  1.00 38.59 ? 219 ALA B CA  1 
ATOM   370 C C   . ALA B 2 20 ? 1.123   2.671   12.556  1.00 40.01 ? 219 ALA B C   1 
ATOM   371 O O   . ALA B 2 20 ? 0.146   2.766   13.288  1.00 41.03 ? 219 ALA B O   1 
ATOM   372 C CB  . ALA B 2 20 ? 0.466   3.974   10.559  1.00 37.06 ? 219 ALA B CB  1 
HETATM 373 N N   . DBZ B 2 21 ? 1.877   1.583   12.529  1.00 39.47 ? 220 DBZ B N   1 
HETATM 374 C CA  . DBZ B 2 21 ? 1.520   0.433   13.343  1.00 41.20 ? 220 DBZ B CA  1 
HETATM 375 C CB  . DBZ B 2 21 ? 1.421   -0.804  12.438  1.00 39.52 ? 220 DBZ B CB  1 
HETATM 376 N NG  . DBZ B 2 21 ? 0.390   -0.605  11.421  1.00 36.93 ? 220 DBZ B NG  1 
HETATM 377 C CD2 . DBZ B 2 21 ? -0.900  -0.894  11.585  1.00 36.65 ? 220 DBZ B CD2 1 
HETATM 378 O OD2 . DBZ B 2 21 ? -1.343  -1.389  12.616  1.00 35.24 ? 220 DBZ B OD2 1 
HETATM 379 C C1  . DBZ B 2 21 ? -1.834  -0.588  10.469  1.00 34.21 ? 220 DBZ B C1  1 
HETATM 380 C C2  . DBZ B 2 21 ? -3.091  -1.180  10.449  1.00 35.54 ? 220 DBZ B C2  1 
HETATM 381 C C6  . DBZ B 2 21 ? -1.505  0.329   9.472   1.00 36.30 ? 220 DBZ B C6  1 
HETATM 382 C C3  . DBZ B 2 21 ? -4.017  -0.876  9.452   1.00 34.55 ? 220 DBZ B C3  1 
HETATM 383 C C5  . DBZ B 2 21 ? -2.422  0.645   8.475   1.00 35.18 ? 220 DBZ B C5  1 
HETATM 384 C C4  . DBZ B 2 21 ? -3.689  0.033   8.471   1.00 36.73 ? 220 DBZ B C4  1 
HETATM 385 C C   . DBZ B 2 21 ? 2.455   0.134   14.512  1.00 43.41 ? 220 DBZ B C   1 
HETATM 386 O OXT . DBZ B 2 21 ? 3.358   0.905   14.842  1.00 42.81 ? 220 DBZ B OXT 1 
ATOM   387 N N   . GLY B 2 22 ? 2.203   -1.006  15.139  1.00 46.74 ? 221 GLY B N   1 
ATOM   388 C CA  . GLY B 2 22 ? 3.009   -1.457  16.255  1.00 50.73 ? 221 GLY B CA  1 
ATOM   389 C C   . GLY B 2 22 ? 3.641   -2.812  15.955  1.00 51.56 ? 221 GLY B C   1 
ATOM   390 O O   . GLY B 2 22 ? 4.466   -3.314  16.736  1.00 54.32 ? 221 GLY B O   1 
ATOM   391 O OXT . GLY B 2 22 ? 3.272   -3.406  14.821  1.00 52.57 ? 221 GLY B OXT 1 
HETATM 392 O O   . HOH C 3 .  ? -14.509 -6.215  7.769   1.00 48.52 ? 1   HOH A O   1 
HETATM 393 O O   . HOH C 3 .  ? -5.754  -1.174  13.024  1.00 44.41 ? 2   HOH A O   1 
HETATM 394 O O   . HOH C 3 .  ? -0.427  -0.548  -22.428 1.00 65.09 ? 3   HOH A O   1 
HETATM 395 O O   . HOH C 3 .  ? -0.550  -5.646  4.985   1.00 37.84 ? 4   HOH A O   1 
HETATM 396 O O   . HOH C 3 .  ? -8.830  -2.647  -3.158  1.00 32.09 ? 5   HOH A O   1 
HETATM 397 O O   . HOH C 3 .  ? -11.214 -10.481 4.678   1.00 55.41 ? 6   HOH A O   1 
HETATM 398 O O   . HOH C 3 .  ? -1.689  -6.167  -12.851 1.00 70.91 ? 8   HOH A O   1 
HETATM 399 O O   . HOH C 3 .  ? -10.378 -9.524  -12.601 1.00 51.89 ? 10  HOH A O   1 
HETATM 400 O O   . HOH C 3 .  ? -1.064  -6.923  2.679   1.00 50.15 ? 14  HOH A O   1 
HETATM 401 O O   . HOH C 3 .  ? -10.393 -0.667  -2.930  1.00 47.94 ? 18  HOH A O   1 
HETATM 402 O O   . HOH C 3 .  ? -7.214  -6.568  13.439  1.00 50.07 ? 20  HOH A O   1 
HETATM 403 O O   . HOH C 3 .  ? -16.729 -2.313  1.071   1.00 65.05 ? 21  HOH A O   1 
HETATM 404 O O   . HOH C 3 .  ? -14.255 -4.867  -13.198 1.00 74.91 ? 23  HOH A O   1 
HETATM 405 O O   . HOH C 3 .  ? -8.368  -11.862 6.876   1.00 48.75 ? 25  HOH A O   1 
HETATM 406 O O   . HOH C 3 .  ? 1.915   -4.308  1.813   1.00 64.64 ? 28  HOH A O   1 
HETATM 407 O O   . HOH C 3 .  ? -5.678  -6.881  -8.691  1.00 66.59 ? 29  HOH A O   1 
HETATM 408 O O   . HOH C 3 .  ? -10.422 -9.216  1.626   1.00 70.81 ? 32  HOH A O   1 
HETATM 409 O O   . HOH C 3 .  ? 5.665   -5.476  -10.416 1.00 53.50 ? 33  HOH A O   1 
HETATM 410 O O   . HOH C 3 .  ? -11.738 -7.475  4.010   1.00 42.53 ? 40  HOH A O   1 
HETATM 411 O O   . HOH C 3 .  ? -10.603 -11.869 -1.452  1.00 60.07 ? 41  HOH A O   1 
HETATM 412 O O   . HOH C 3 .  ? -6.859  -9.176  -2.429  1.00 69.48 ? 42  HOH A O   1 
HETATM 413 O O   . HOH C 3 .  ? 2.357   -7.261  4.196   1.00 53.71 ? 44  HOH A O   1 
HETATM 414 O O   . HOH C 3 .  ? -11.801 -5.006  -4.025  1.00 73.34 ? 45  HOH A O   1 
HETATM 415 O O   . HOH C 3 .  ? -11.748 -5.722  -9.195  1.00 61.94 ? 46  HOH A O   1 
HETATM 416 O O   . HOH C 3 .  ? -2.513  -9.702  -10.554 1.00 51.50 ? 47  HOH A O   1 
HETATM 417 O O   . HOH C 3 .  ? -14.572 -6.276  13.997  1.00 76.00 ? 50  HOH A O   1 
HETATM 418 O O   . HOH C 3 .  ? -15.853 -4.212  7.706   1.00 59.04 ? 51  HOH A O   1 
HETATM 419 O O   . HOH D 3 .  ? 6.363   -2.139  18.936  1.00 52.26 ? 7   HOH B O   1 
HETATM 420 O O   . HOH D 3 .  ? 14.508  14.293  2.699   1.00 65.72 ? 9   HOH B O   1 
HETATM 421 O O   . HOH D 3 .  ? 6.829   6.926   4.195   1.00 34.54 ? 11  HOH B O   1 
HETATM 422 O O   . HOH D 3 .  ? 14.326  7.797   -7.320  1.00 39.53 ? 12  HOH B O   1 
HETATM 423 O O   . HOH D 3 .  ? 9.731   0.731   7.345   1.00 45.63 ? 13  HOH B O   1 
HETATM 424 O O   . HOH D 3 .  ? 7.110   -0.166  -5.416  1.00 42.61 ? 15  HOH B O   1 
HETATM 425 O O   . HOH D 3 .  ? 8.601   -1.377  4.488   1.00 39.03 ? 16  HOH B O   1 
HETATM 426 O O   . HOH D 3 .  ? 25.022  8.945   -12.287 1.00 54.14 ? 17  HOH B O   1 
HETATM 427 O O   . HOH D 3 .  ? 13.533  -3.636  -15.555 1.00 64.77 ? 19  HOH B O   1 
HETATM 428 O O   . HOH D 3 .  ? 8.296   10.941  3.888   1.00 58.16 ? 22  HOH B O   1 
HETATM 429 O O   . HOH D 3 .  ? 10.013  -3.276  1.775   1.00 61.53 ? 24  HOH B O   1 
HETATM 430 O O   . HOH D 3 .  ? 11.610  13.392  -1.413  1.00 73.41 ? 26  HOH B O   1 
HETATM 431 O O   . HOH D 3 .  ? -0.091  0.797   17.231  1.00 63.31 ? 27  HOH B O   1 
HETATM 432 O O   . HOH D 3 .  ? -3.151  -1.698  14.428  1.00 53.48 ? 30  HOH B O   1 
HETATM 433 O O   . HOH D 3 .  ? 10.036  4.850   8.100   1.00 48.21 ? 31  HOH B O   1 
HETATM 434 O O   . HOH D 3 .  ? 9.678   0.312   -8.083  1.00 51.38 ? 34  HOH B O   1 
HETATM 435 O O   . HOH D 3 .  ? 12.702  -2.478  -6.469  1.00 59.82 ? 35  HOH B O   1 
HETATM 436 O O   . HOH D 3 .  ? 8.473   3.241   -13.914 1.00 54.53 ? 36  HOH B O   1 
HETATM 437 O O   . HOH D 3 .  ? 4.807   1.841   -11.168 1.00 52.37 ? 37  HOH B O   1 
HETATM 438 O O   . HOH D 3 .  ? 3.793   7.773   -16.023 1.00 53.53 ? 38  HOH B O   1 
HETATM 439 O O   . HOH D 3 .  ? 9.601   -0.437  1.807   1.00 54.30 ? 39  HOH B O   1 
HETATM 440 O O   . HOH D 3 .  ? 11.600  -4.588  3.942   1.00 72.30 ? 43  HOH B O   1 
HETATM 441 O O   . HOH D 3 .  ? 8.635   2.791   8.206   1.00 44.60 ? 48  HOH B O   1 
HETATM 442 O O   . HOH D 3 .  ? -0.091  3.646   16.316  1.00 54.81 ? 49  HOH B O   1 
HETATM 443 O O   . HOH D 3 .  ? 10.467  -0.593  -3.755  1.00 46.51 ? 52  HOH B O   1 
# 
loop_
_pdbx_poly_seq_scheme.asym_id 
_pdbx_poly_seq_scheme.entity_id 
_pdbx_poly_seq_scheme.seq_id 
_pdbx_poly_seq_scheme.mon_id 
_pdbx_poly_seq_scheme.ndb_seq_num 
_pdbx_poly_seq_scheme.pdb_seq_num 
_pdbx_poly_seq_scheme.auth_seq_num 
_pdbx_poly_seq_scheme.pdb_mon_id 
_pdbx_poly_seq_scheme.auth_mon_id 
_pdbx_poly_seq_scheme.pdb_strand_id 
_pdbx_poly_seq_scheme.pdb_ins_code 
_pdbx_poly_seq_scheme.hetero 
A 1 1  ACE 1  100 100 ACE ACE A . n 
A 1 2  TYR 2  101 101 TYR TYR A . n 
A 1 3  ARG 3  102 102 ARG ARG A . n 
A 1 4  ILE 4  103 103 ILE ILE A . n 
A 1 5  DPR 5  104 104 DPR DPR A . n 
A 1 6  SER 6  105 105 SER SER A . n 
A 1 7  TYR 7  106 106 TYR TYR A . n 
A 1 8  ASP 8  107 107 ASP ASP A . n 
A 1 9  PHE 9  108 108 PHE PHE A . n 
A 1 10 DAL 10 109 109 DAL DAL A . n 
A 1 11 ASP 11 110 110 ASP ASP A . n 
A 1 12 GLU 12 111 111 GLU GLU A . n 
A 1 13 ALA 13 112 112 ALA ALA A . n 
A 1 14 GLU 14 113 113 GLU GLU A . n 
A 1 15 LYS 15 114 114 LYS LYS A . n 
A 1 16 LEU 16 115 115 LEU LEU A . n 
A 1 17 LEU 17 116 116 LEU LEU A . n 
A 1 18 ARG 18 117 117 ARG ARG A . n 
A 1 19 ASP 19 118 118 ASP ASP A . n 
A 1 20 ALA 20 119 119 ALA ALA A . n 
A 1 21 DBZ 21 120 120 DBZ DBZ A . n 
A 1 22 GLY 22 121 121 GLY GLY A . n 
B 2 1  ACE 1  200 200 ACE ACE B . n 
B 2 2  TYR 2  201 201 TYR TYR B . n 
B 2 3  ARG 3  202 202 ARG ARG B . n 
B 2 4  ILE 4  203 203 ILE ILE B . n 
B 2 5  DPR 5  204 204 DPR DPR B . n 
B 2 6  SER 6  205 205 SER SER B . n 
B 2 7  TYR 7  206 206 TYR TYR B . n 
B 2 8  ASP 8  207 207 ASP ASP B . n 
B 2 9  PHE 9  208 208 PHE PHE B . n 
B 2 10 DAL 10 209 209 DAL DAL B . n 
B 2 11 ASP 11 210 210 ASP ASP B . n 
B 2 12 LYS 12 211 211 LYS LYS B . n 
B 2 13 PHE 13 212 212 PHE PHE B . n 
B 2 14 LYS 14 213 213 LYS LYS B . n 
B 2 15 LYS 15 214 214 LYS LYS B . n 
B 2 16 LEU 16 215 215 LEU LEU B . n 
B 2 17 LEU 17 216 216 LEU LEU B . n 
B 2 18 ARG 18 217 217 ARG ARG B . n 
B 2 19 LYS 19 218 218 LYS LYS B . n 
B 2 20 ALA 20 219 219 ALA ALA B . n 
B 2 21 DBZ 21 220 220 DBZ DBZ B . n 
B 2 22 GLY 22 221 221 GLY GLY B . n 
# 
loop_
_pdbx_nonpoly_scheme.asym_id 
_pdbx_nonpoly_scheme.entity_id 
_pdbx_nonpoly_scheme.mon_id 
_pdbx_nonpoly_scheme.ndb_seq_num 
_pdbx_nonpoly_scheme.pdb_seq_num 
_pdbx_nonpoly_scheme.auth_seq_num 
_pdbx_nonpoly_scheme.pdb_mon_id 
_pdbx_nonpoly_scheme.auth_mon_id 
_pdbx_nonpoly_scheme.pdb_strand_id 
_pdbx_nonpoly_scheme.pdb_ins_code 
C 3 HOH 1  1  1  HOH HOH A . 
C 3 HOH 2  2  2  HOH HOH A . 
C 3 HOH 3  3  3  HOH HOH A . 
C 3 HOH 4  4  4  HOH HOH A . 
C 3 HOH 5  5  5  HOH HOH A . 
C 3 HOH 6  6  6  HOH HOH A . 
C 3 HOH 7  8  8  HOH HOH A . 
C 3 HOH 8  10 10 HOH HOH A . 
C 3 HOH 9  14 14 HOH HOH A . 
C 3 HOH 10 18 18 HOH HOH A . 
C 3 HOH 11 20 20 HOH HOH A . 
C 3 HOH 12 21 21 HOH HOH A . 
C 3 HOH 13 23 23 HOH HOH A . 
C 3 HOH 14 25 25 HOH HOH A . 
C 3 HOH 15 28 28 HOH HOH A . 
C 3 HOH 16 29 29 HOH HOH A . 
C 3 HOH 17 32 32 HOH HOH A . 
C 3 HOH 18 33 33 HOH HOH A . 
C 3 HOH 19 40 40 HOH HOH A . 
C 3 HOH 20 41 41 HOH HOH A . 
C 3 HOH 21 42 42 HOH HOH A . 
C 3 HOH 22 44 44 HOH HOH A . 
C 3 HOH 23 45 45 HOH HOH A . 
C 3 HOH 24 46 46 HOH HOH A . 
C 3 HOH 25 47 47 HOH HOH A . 
C 3 HOH 26 50 50 HOH HOH A . 
C 3 HOH 27 51 51 HOH HOH A . 
D 3 HOH 1  7  7  HOH HOH B . 
D 3 HOH 2  9  9  HOH HOH B . 
D 3 HOH 3  11 11 HOH HOH B . 
D 3 HOH 4  12 12 HOH HOH B . 
D 3 HOH 5  13 13 HOH HOH B . 
D 3 HOH 6  15 15 HOH HOH B . 
D 3 HOH 7  16 16 HOH HOH B . 
D 3 HOH 8  17 17 HOH HOH B . 
D 3 HOH 9  19 19 HOH HOH B . 
D 3 HOH 10 22 22 HOH HOH B . 
D 3 HOH 11 24 24 HOH HOH B . 
D 3 HOH 12 26 26 HOH HOH B . 
D 3 HOH 13 27 27 HOH HOH B . 
D 3 HOH 14 30 30 HOH HOH B . 
D 3 HOH 15 31 31 HOH HOH B . 
D 3 HOH 16 34 34 HOH HOH B . 
D 3 HOH 17 35 35 HOH HOH B . 
D 3 HOH 18 36 36 HOH HOH B . 
D 3 HOH 19 37 37 HOH HOH B . 
D 3 HOH 20 38 38 HOH HOH B . 
D 3 HOH 21 39 39 HOH HOH B . 
D 3 HOH 22 43 43 HOH HOH B . 
D 3 HOH 23 48 48 HOH HOH B . 
D 3 HOH 24 49 49 HOH HOH B . 
D 3 HOH 25 52 52 HOH HOH B . 
# 
loop_
_pdbx_struct_mod_residue.id 
_pdbx_struct_mod_residue.label_asym_id 
_pdbx_struct_mod_residue.label_comp_id 
_pdbx_struct_mod_residue.label_seq_id 
_pdbx_struct_mod_residue.auth_asym_id 
_pdbx_struct_mod_residue.auth_comp_id 
_pdbx_struct_mod_residue.auth_seq_id 
_pdbx_struct_mod_residue.PDB_ins_code 
_pdbx_struct_mod_residue.parent_comp_id 
_pdbx_struct_mod_residue.details 
1 A DPR 5  A DPR 104 ? PRO D-PROLINE                    
2 A DAL 10 A DAL 109 ? ALA D-ALANINE                    
3 A DBZ 21 A DBZ 120 ? ALA '3-(BENZOYLAMINO)-L-ALANINE' 
4 B DPR 5  B DPR 204 ? PRO D-PROLINE                    
5 B DAL 10 B DAL 209 ? ALA D-ALANINE                    
6 B DBZ 21 B DBZ 220 ? ALA '3-(BENZOYLAMINO)-L-ALANINE' 
# 
_pdbx_struct_assembly.id                   1 
_pdbx_struct_assembly.details              author_defined_assembly 
_pdbx_struct_assembly.method_details       ? 
_pdbx_struct_assembly.oligomeric_details   tetrameric 
_pdbx_struct_assembly.oligomeric_count     4 
# 
_pdbx_struct_assembly_gen.assembly_id       1 
_pdbx_struct_assembly_gen.oper_expression   1,2 
_pdbx_struct_assembly_gen.asym_id_list      A,B,C,D 
# 
loop_
_pdbx_struct_oper_list.id 
_pdbx_struct_oper_list.type 
_pdbx_struct_oper_list.name 
_pdbx_struct_oper_list.symmetry_operation 
_pdbx_struct_oper_list.matrix[1][1] 
_pdbx_struct_oper_list.matrix[1][2] 
_pdbx_struct_oper_list.matrix[1][3] 
_pdbx_struct_oper_list.vector[1] 
_pdbx_struct_oper_list.matrix[2][1] 
_pdbx_struct_oper_list.matrix[2][2] 
_pdbx_struct_oper_list.matrix[2][3] 
_pdbx_struct_oper_list.vector[2] 
_pdbx_struct_oper_list.matrix[3][1] 
_pdbx_struct_oper_list.matrix[3][2] 
_pdbx_struct_oper_list.matrix[3][3] 
_pdbx_struct_oper_list.vector[3] 
1 'identity operation'         1_555 x,y,z             1.0000000000  0.0000000000 0.0000000000  0.0000000000  0.0000000000 1.0000000000  0.0000000000  0.0000000000 0.0000000000  0.0000000000  1.0000000000 0.0000000000 
2 'crystal symmetry operation' 5_675 x-y+1,-y+2,-z+2/3 -0.7931763489 0.1654485867 -0.5860870624 -4.7382035212 0.1654485867 -0.8676493975 -0.4688403653 8.5857544409 -0.5860870624 -0.4688403653 0.6608257464 0.7516432526 
# 
loop_
_pdbx_audit_revision_history.ordinal 
_pdbx_audit_revision_history.data_content_type 
_pdbx_audit_revision_history.major_revision 
_pdbx_audit_revision_history.minor_revision 
_pdbx_audit_revision_history.revision_date 
1 'Structure model' 1 0 2005-02-01 
2 'Structure model' 1 1 2008-04-30 
3 'Structure model' 1 2 2011-07-13 
4 'Structure model' 1 3 2018-01-31 
5 'Structure model' 2 0 2023-11-15 
# 
_pdbx_audit_revision_details.ordinal             1 
_pdbx_audit_revision_details.revision_ordinal    1 
_pdbx_audit_revision_details.data_content_type   'Structure model' 
_pdbx_audit_revision_details.provider            repository 
_pdbx_audit_revision_details.type                'Initial release' 
_pdbx_audit_revision_details.description         ? 
_pdbx_audit_revision_details.details             ? 
# 
loop_
_pdbx_audit_revision_group.ordinal 
_pdbx_audit_revision_group.revision_ordinal 
_pdbx_audit_revision_group.data_content_type 
_pdbx_audit_revision_group.group 
1 2 'Structure model' 'Version format compliance' 
2 3 'Structure model' 'Version format compliance' 
3 4 'Structure model' 'Experimental preparation'  
4 5 'Structure model' 'Atomic model'              
5 5 'Structure model' 'Data collection'           
6 5 'Structure model' 'Database references'       
7 5 'Structure model' 'Derived calculations'      
# 
loop_
_pdbx_audit_revision_category.ordinal 
_pdbx_audit_revision_category.revision_ordinal 
_pdbx_audit_revision_category.data_content_type 
_pdbx_audit_revision_category.category 
1 4 'Structure model' exptl_crystal_grow 
2 5 'Structure model' atom_site          
3 5 'Structure model' chem_comp_atom     
4 5 'Structure model' chem_comp_bond     
5 5 'Structure model' database_2         
6 5 'Structure model' struct_conn        
7 5 'Structure model' struct_site        
# 
loop_
_pdbx_audit_revision_item.ordinal 
_pdbx_audit_revision_item.revision_ordinal 
_pdbx_audit_revision_item.data_content_type 
_pdbx_audit_revision_item.item 
1  4 'Structure model' '_exptl_crystal_grow.pdbx_details'    
2  4 'Structure model' '_exptl_crystal_grow.temp'            
3  5 'Structure model' '_atom_site.auth_atom_id'             
4  5 'Structure model' '_atom_site.label_atom_id'            
5  5 'Structure model' '_database_2.pdbx_DOI'                
6  5 'Structure model' '_database_2.pdbx_database_accession' 
7  5 'Structure model' '_struct_conn.pdbx_dist_value'        
8  5 'Structure model' '_struct_conn.pdbx_leaving_atom_flag' 
9  5 'Structure model' '_struct_conn.ptnr1_auth_asym_id'     
10 5 'Structure model' '_struct_conn.ptnr1_auth_comp_id'     
11 5 'Structure model' '_struct_conn.ptnr1_auth_seq_id'      
12 5 'Structure model' '_struct_conn.ptnr1_label_asym_id'    
13 5 'Structure model' '_struct_conn.ptnr1_label_comp_id'    
14 5 'Structure model' '_struct_conn.ptnr1_label_seq_id'     
15 5 'Structure model' '_struct_conn.ptnr2_auth_asym_id'     
16 5 'Structure model' '_struct_conn.ptnr2_auth_comp_id'     
17 5 'Structure model' '_struct_conn.ptnr2_auth_seq_id'      
18 5 'Structure model' '_struct_conn.ptnr2_label_asym_id'    
19 5 'Structure model' '_struct_conn.ptnr2_label_comp_id'    
20 5 'Structure model' '_struct_conn.ptnr2_label_seq_id'     
21 5 'Structure model' '_struct_site.pdbx_auth_asym_id'      
22 5 'Structure model' '_struct_site.pdbx_auth_comp_id'      
23 5 'Structure model' '_struct_site.pdbx_auth_seq_id'       
# 
loop_
_software.name 
_software.classification 
_software.version 
_software.citation_id 
_software.pdbx_ordinal 
_software.date 
_software.type 
_software.location 
_software.language 
CNS       refinement       1.1 ? 1 ? ? ? ? 
HKL-2000  'data reduction' .   ? 2 ? ? ? ? 
SCALEPACK 'data scaling'   .   ? 3 ? ? ? ? 
MOLREP    phasing          .   ? 4 ? ? ? ? 
# 
_pdbx_validate_torsion.id              1 
_pdbx_validate_torsion.PDB_model_num   1 
_pdbx_validate_torsion.auth_comp_id    DBZ 
_pdbx_validate_torsion.auth_asym_id    A 
_pdbx_validate_torsion.auth_seq_id     120 
_pdbx_validate_torsion.PDB_ins_code    ? 
_pdbx_validate_torsion.label_alt_id    ? 
_pdbx_validate_torsion.phi             -96.39 
_pdbx_validate_torsion.psi             -128.41 
# 
loop_
_chem_comp_atom.comp_id 
_chem_comp_atom.atom_id 
_chem_comp_atom.type_symbol 
_chem_comp_atom.pdbx_aromatic_flag 
_chem_comp_atom.pdbx_stereo_config 
_chem_comp_atom.pdbx_ordinal 
ACE C    C N N 1   
ACE O    O N N 2   
ACE CH3  C N N 3   
ACE H    H N N 4   
ACE H1   H N N 5   
ACE H2   H N N 6   
ACE H3   H N N 7   
ALA N    N N N 8   
ALA CA   C N S 9   
ALA C    C N N 10  
ALA O    O N N 11  
ALA CB   C N N 12  
ALA OXT  O N N 13  
ALA H    H N N 14  
ALA H2   H N N 15  
ALA HA   H N N 16  
ALA HB1  H N N 17  
ALA HB2  H N N 18  
ALA HB3  H N N 19  
ALA HXT  H N N 20  
ARG N    N N N 21  
ARG CA   C N S 22  
ARG C    C N N 23  
ARG O    O N N 24  
ARG CB   C N N 25  
ARG CG   C N N 26  
ARG CD   C N N 27  
ARG NE   N N N 28  
ARG CZ   C N N 29  
ARG NH1  N N N 30  
ARG NH2  N N N 31  
ARG OXT  O N N 32  
ARG H    H N N 33  
ARG H2   H N N 34  
ARG HA   H N N 35  
ARG HB2  H N N 36  
ARG HB3  H N N 37  
ARG HG2  H N N 38  
ARG HG3  H N N 39  
ARG HD2  H N N 40  
ARG HD3  H N N 41  
ARG HE   H N N 42  
ARG HH11 H N N 43  
ARG HH12 H N N 44  
ARG HH21 H N N 45  
ARG HH22 H N N 46  
ARG HXT  H N N 47  
ASP N    N N N 48  
ASP CA   C N S 49  
ASP C    C N N 50  
ASP O    O N N 51  
ASP CB   C N N 52  
ASP CG   C N N 53  
ASP OD1  O N N 54  
ASP OD2  O N N 55  
ASP OXT  O N N 56  
ASP H    H N N 57  
ASP H2   H N N 58  
ASP HA   H N N 59  
ASP HB2  H N N 60  
ASP HB3  H N N 61  
ASP HD2  H N N 62  
ASP HXT  H N N 63  
DAL N    N N N 64  
DAL CA   C N R 65  
DAL CB   C N N 66  
DAL C    C N N 67  
DAL O    O N N 68  
DAL OXT  O N N 69  
DAL H    H N N 70  
DAL H2   H N N 71  
DAL HA   H N N 72  
DAL HB1  H N N 73  
DAL HB2  H N N 74  
DAL HB3  H N N 75  
DAL HXT  H N N 76  
DBZ N    N N N 77  
DBZ CA   C N S 78  
DBZ CB   C N N 79  
DBZ NG   N N N 80  
DBZ CD2  C N N 81  
DBZ OD2  O N N 82  
DBZ C1   C Y N 83  
DBZ C2   C Y N 84  
DBZ C6   C Y N 85  
DBZ C3   C Y N 86  
DBZ C5   C Y N 87  
DBZ C4   C Y N 88  
DBZ C    C N N 89  
DBZ O    O N N 90  
DBZ OXT  O N N 91  
DBZ H    H N N 92  
DBZ H2   H N N 93  
DBZ HA   H N N 94  
DBZ HB1  H N N 95  
DBZ HB2  H N N 96  
DBZ HNG  H N N 97  
DBZ H1   H N N 98  
DBZ H6   H N N 99  
DBZ H3   H N N 100 
DBZ H5   H N N 101 
DBZ H4   H N N 102 
DBZ HXT  H N N 103 
DPR N    N N N 104 
DPR CA   C N R 105 
DPR CB   C N N 106 
DPR CG   C N N 107 
DPR CD   C N N 108 
DPR C    C N N 109 
DPR O    O N N 110 
DPR OXT  O N N 111 
DPR H    H N N 112 
DPR HA   H N N 113 
DPR HB2  H N N 114 
DPR HB3  H N N 115 
DPR HG2  H N N 116 
DPR HG3  H N N 117 
DPR HD2  H N N 118 
DPR HD3  H N N 119 
DPR HXT  H N N 120 
GLU N    N N N 121 
GLU CA   C N S 122 
GLU C    C N N 123 
GLU O    O N N 124 
GLU CB   C N N 125 
GLU CG   C N N 126 
GLU CD   C N N 127 
GLU OE1  O N N 128 
GLU OE2  O N N 129 
GLU OXT  O N N 130 
GLU H    H N N 131 
GLU H2   H N N 132 
GLU HA   H N N 133 
GLU HB2  H N N 134 
GLU HB3  H N N 135 
GLU HG2  H N N 136 
GLU HG3  H N N 137 
GLU HE2  H N N 138 
GLU HXT  H N N 139 
GLY N    N N N 140 
GLY CA   C N N 141 
GLY C    C N N 142 
GLY O    O N N 143 
GLY OXT  O N N 144 
GLY H    H N N 145 
GLY H2   H N N 146 
GLY HA2  H N N 147 
GLY HA3  H N N 148 
GLY HXT  H N N 149 
HOH O    O N N 150 
HOH H1   H N N 151 
HOH H2   H N N 152 
ILE N    N N N 153 
ILE CA   C N S 154 
ILE C    C N N 155 
ILE O    O N N 156 
ILE CB   C N S 157 
ILE CG1  C N N 158 
ILE CG2  C N N 159 
ILE CD1  C N N 160 
ILE OXT  O N N 161 
ILE H    H N N 162 
ILE H2   H N N 163 
ILE HA   H N N 164 
ILE HB   H N N 165 
ILE HG12 H N N 166 
ILE HG13 H N N 167 
ILE HG21 H N N 168 
ILE HG22 H N N 169 
ILE HG23 H N N 170 
ILE HD11 H N N 171 
ILE HD12 H N N 172 
ILE HD13 H N N 173 
ILE HXT  H N N 174 
LEU N    N N N 175 
LEU CA   C N S 176 
LEU C    C N N 177 
LEU O    O N N 178 
LEU CB   C N N 179 
LEU CG   C N N 180 
LEU CD1  C N N 181 
LEU CD2  C N N 182 
LEU OXT  O N N 183 
LEU H    H N N 184 
LEU H2   H N N 185 
LEU HA   H N N 186 
LEU HB2  H N N 187 
LEU HB3  H N N 188 
LEU HG   H N N 189 
LEU HD11 H N N 190 
LEU HD12 H N N 191 
LEU HD13 H N N 192 
LEU HD21 H N N 193 
LEU HD22 H N N 194 
LEU HD23 H N N 195 
LEU HXT  H N N 196 
LYS N    N N N 197 
LYS CA   C N S 198 
LYS C    C N N 199 
LYS O    O N N 200 
LYS CB   C N N 201 
LYS CG   C N N 202 
LYS CD   C N N 203 
LYS CE   C N N 204 
LYS NZ   N N N 205 
LYS OXT  O N N 206 
LYS H    H N N 207 
LYS H2   H N N 208 
LYS HA   H N N 209 
LYS HB2  H N N 210 
LYS HB3  H N N 211 
LYS HG2  H N N 212 
LYS HG3  H N N 213 
LYS HD2  H N N 214 
LYS HD3  H N N 215 
LYS HE2  H N N 216 
LYS HE3  H N N 217 
LYS HZ1  H N N 218 
LYS HZ2  H N N 219 
LYS HZ3  H N N 220 
LYS HXT  H N N 221 
PHE N    N N N 222 
PHE CA   C N S 223 
PHE C    C N N 224 
PHE O    O N N 225 
PHE CB   C N N 226 
PHE CG   C Y N 227 
PHE CD1  C Y N 228 
PHE CD2  C Y N 229 
PHE CE1  C Y N 230 
PHE CE2  C Y N 231 
PHE CZ   C Y N 232 
PHE OXT  O N N 233 
PHE H    H N N 234 
PHE H2   H N N 235 
PHE HA   H N N 236 
PHE HB2  H N N 237 
PHE HB3  H N N 238 
PHE HD1  H N N 239 
PHE HD2  H N N 240 
PHE HE1  H N N 241 
PHE HE2  H N N 242 
PHE HZ   H N N 243 
PHE HXT  H N N 244 
SER N    N N N 245 
SER CA   C N S 246 
SER C    C N N 247 
SER O    O N N 248 
SER CB   C N N 249 
SER OG   O N N 250 
SER OXT  O N N 251 
SER H    H N N 252 
SER H2   H N N 253 
SER HA   H N N 254 
SER HB2  H N N 255 
SER HB3  H N N 256 
SER HG   H N N 257 
SER HXT  H N N 258 
TYR N    N N N 259 
TYR CA   C N S 260 
TYR C    C N N 261 
TYR O    O N N 262 
TYR CB   C N N 263 
TYR CG   C Y N 264 
TYR CD1  C Y N 265 
TYR CD2  C Y N 266 
TYR CE1  C Y N 267 
TYR CE2  C Y N 268 
TYR CZ   C Y N 269 
TYR OH   O N N 270 
TYR OXT  O N N 271 
TYR H    H N N 272 
TYR H2   H N N 273 
TYR HA   H N N 274 
TYR HB2  H N N 275 
TYR HB3  H N N 276 
TYR HD1  H N N 277 
TYR HD2  H N N 278 
TYR HE1  H N N 279 
TYR HE2  H N N 280 
TYR HH   H N N 281 
TYR HXT  H N N 282 
# 
loop_
_chem_comp_bond.comp_id 
_chem_comp_bond.atom_id_1 
_chem_comp_bond.atom_id_2 
_chem_comp_bond.value_order 
_chem_comp_bond.pdbx_aromatic_flag 
_chem_comp_bond.pdbx_stereo_config 
_chem_comp_bond.pdbx_ordinal 
ACE C   O    doub N N 1   
ACE C   CH3  sing N N 2   
ACE C   H    sing N N 3   
ACE CH3 H1   sing N N 4   
ACE CH3 H2   sing N N 5   
ACE CH3 H3   sing N N 6   
ALA N   CA   sing N N 7   
ALA N   H    sing N N 8   
ALA N   H2   sing N N 9   
ALA CA  C    sing N N 10  
ALA CA  CB   sing N N 11  
ALA CA  HA   sing N N 12  
ALA C   O    doub N N 13  
ALA C   OXT  sing N N 14  
ALA CB  HB1  sing N N 15  
ALA CB  HB2  sing N N 16  
ALA CB  HB3  sing N N 17  
ALA OXT HXT  sing N N 18  
ARG N   CA   sing N N 19  
ARG N   H    sing N N 20  
ARG N   H2   sing N N 21  
ARG CA  C    sing N N 22  
ARG CA  CB   sing N N 23  
ARG CA  HA   sing N N 24  
ARG C   O    doub N N 25  
ARG C   OXT  sing N N 26  
ARG CB  CG   sing N N 27  
ARG CB  HB2  sing N N 28  
ARG CB  HB3  sing N N 29  
ARG CG  CD   sing N N 30  
ARG CG  HG2  sing N N 31  
ARG CG  HG3  sing N N 32  
ARG CD  NE   sing N N 33  
ARG CD  HD2  sing N N 34  
ARG CD  HD3  sing N N 35  
ARG NE  CZ   sing N N 36  
ARG NE  HE   sing N N 37  
ARG CZ  NH1  sing N N 38  
ARG CZ  NH2  doub N N 39  
ARG NH1 HH11 sing N N 40  
ARG NH1 HH12 sing N N 41  
ARG NH2 HH21 sing N N 42  
ARG NH2 HH22 sing N N 43  
ARG OXT HXT  sing N N 44  
ASP N   CA   sing N N 45  
ASP N   H    sing N N 46  
ASP N   H2   sing N N 47  
ASP CA  C    sing N N 48  
ASP CA  CB   sing N N 49  
ASP CA  HA   sing N N 50  
ASP C   O    doub N N 51  
ASP C   OXT  sing N N 52  
ASP CB  CG   sing N N 53  
ASP CB  HB2  sing N N 54  
ASP CB  HB3  sing N N 55  
ASP CG  OD1  doub N N 56  
ASP CG  OD2  sing N N 57  
ASP OD2 HD2  sing N N 58  
ASP OXT HXT  sing N N 59  
DAL N   CA   sing N N 60  
DAL N   H    sing N N 61  
DAL N   H2   sing N N 62  
DAL CA  CB   sing N N 63  
DAL CA  C    sing N N 64  
DAL CA  HA   sing N N 65  
DAL CB  HB1  sing N N 66  
DAL CB  HB2  sing N N 67  
DAL CB  HB3  sing N N 68  
DAL C   O    doub N N 69  
DAL C   OXT  sing N N 70  
DAL OXT HXT  sing N N 71  
DBZ N   CA   sing N N 72  
DBZ N   H    sing N N 73  
DBZ N   H2   sing N N 74  
DBZ CA  CB   sing N N 75  
DBZ CA  C    sing N N 76  
DBZ CA  HA   sing N N 77  
DBZ CB  NG   sing N N 78  
DBZ CB  HB1  sing N N 79  
DBZ CB  HB2  sing N N 80  
DBZ NG  CD2  sing N N 81  
DBZ NG  HNG  sing N N 82  
DBZ CD2 OD2  doub N N 83  
DBZ CD2 C1   sing N N 84  
DBZ C1  C2   doub Y N 85  
DBZ C1  C6   sing Y N 86  
DBZ C2  C3   sing Y N 87  
DBZ C2  H1   sing N N 88  
DBZ C6  C5   doub Y N 89  
DBZ C6  H6   sing N N 90  
DBZ C3  C4   doub Y N 91  
DBZ C3  H3   sing N N 92  
DBZ C5  C4   sing Y N 93  
DBZ C5  H5   sing N N 94  
DBZ C4  H4   sing N N 95  
DBZ C   O    doub N N 96  
DBZ C   OXT  sing N N 97  
DBZ OXT HXT  sing N N 98  
DPR N   CA   sing N N 99  
DPR N   CD   sing N N 100 
DPR N   H    sing N N 101 
DPR CA  CB   sing N N 102 
DPR CA  C    sing N N 103 
DPR CA  HA   sing N N 104 
DPR CB  CG   sing N N 105 
DPR CB  HB2  sing N N 106 
DPR CB  HB3  sing N N 107 
DPR CG  CD   sing N N 108 
DPR CG  HG2  sing N N 109 
DPR CG  HG3  sing N N 110 
DPR CD  HD2  sing N N 111 
DPR CD  HD3  sing N N 112 
DPR C   O    doub N N 113 
DPR C   OXT  sing N N 114 
DPR OXT HXT  sing N N 115 
GLU N   CA   sing N N 116 
GLU N   H    sing N N 117 
GLU N   H2   sing N N 118 
GLU CA  C    sing N N 119 
GLU CA  CB   sing N N 120 
GLU CA  HA   sing N N 121 
GLU C   O    doub N N 122 
GLU C   OXT  sing N N 123 
GLU CB  CG   sing N N 124 
GLU CB  HB2  sing N N 125 
GLU CB  HB3  sing N N 126 
GLU CG  CD   sing N N 127 
GLU CG  HG2  sing N N 128 
GLU CG  HG3  sing N N 129 
GLU CD  OE1  doub N N 130 
GLU CD  OE2  sing N N 131 
GLU OE2 HE2  sing N N 132 
GLU OXT HXT  sing N N 133 
GLY N   CA   sing N N 134 
GLY N   H    sing N N 135 
GLY N   H2   sing N N 136 
GLY CA  C    sing N N 137 
GLY CA  HA2  sing N N 138 
GLY CA  HA3  sing N N 139 
GLY C   O    doub N N 140 
GLY C   OXT  sing N N 141 
GLY OXT HXT  sing N N 142 
HOH O   H1   sing N N 143 
HOH O   H2   sing N N 144 
ILE N   CA   sing N N 145 
ILE N   H    sing N N 146 
ILE N   H2   sing N N 147 
ILE CA  C    sing N N 148 
ILE CA  CB   sing N N 149 
ILE CA  HA   sing N N 150 
ILE C   O    doub N N 151 
ILE C   OXT  sing N N 152 
ILE CB  CG1  sing N N 153 
ILE CB  CG2  sing N N 154 
ILE CB  HB   sing N N 155 
ILE CG1 CD1  sing N N 156 
ILE CG1 HG12 sing N N 157 
ILE CG1 HG13 sing N N 158 
ILE CG2 HG21 sing N N 159 
ILE CG2 HG22 sing N N 160 
ILE CG2 HG23 sing N N 161 
ILE CD1 HD11 sing N N 162 
ILE CD1 HD12 sing N N 163 
ILE CD1 HD13 sing N N 164 
ILE OXT HXT  sing N N 165 
LEU N   CA   sing N N 166 
LEU N   H    sing N N 167 
LEU N   H2   sing N N 168 
LEU CA  C    sing N N 169 
LEU CA  CB   sing N N 170 
LEU CA  HA   sing N N 171 
LEU C   O    doub N N 172 
LEU C   OXT  sing N N 173 
LEU CB  CG   sing N N 174 
LEU CB  HB2  sing N N 175 
LEU CB  HB3  sing N N 176 
LEU CG  CD1  sing N N 177 
LEU CG  CD2  sing N N 178 
LEU CG  HG   sing N N 179 
LEU CD1 HD11 sing N N 180 
LEU CD1 HD12 sing N N 181 
LEU CD1 HD13 sing N N 182 
LEU CD2 HD21 sing N N 183 
LEU CD2 HD22 sing N N 184 
LEU CD2 HD23 sing N N 185 
LEU OXT HXT  sing N N 186 
LYS N   CA   sing N N 187 
LYS N   H    sing N N 188 
LYS N   H2   sing N N 189 
LYS CA  C    sing N N 190 
LYS CA  CB   sing N N 191 
LYS CA  HA   sing N N 192 
LYS C   O    doub N N 193 
LYS C   OXT  sing N N 194 
LYS CB  CG   sing N N 195 
LYS CB  HB2  sing N N 196 
LYS CB  HB3  sing N N 197 
LYS CG  CD   sing N N 198 
LYS CG  HG2  sing N N 199 
LYS CG  HG3  sing N N 200 
LYS CD  CE   sing N N 201 
LYS CD  HD2  sing N N 202 
LYS CD  HD3  sing N N 203 
LYS CE  NZ   sing N N 204 
LYS CE  HE2  sing N N 205 
LYS CE  HE3  sing N N 206 
LYS NZ  HZ1  sing N N 207 
LYS NZ  HZ2  sing N N 208 
LYS NZ  HZ3  sing N N 209 
LYS OXT HXT  sing N N 210 
PHE N   CA   sing N N 211 
PHE N   H    sing N N 212 
PHE N   H2   sing N N 213 
PHE CA  C    sing N N 214 
PHE CA  CB   sing N N 215 
PHE CA  HA   sing N N 216 
PHE C   O    doub N N 217 
PHE C   OXT  sing N N 218 
PHE CB  CG   sing N N 219 
PHE CB  HB2  sing N N 220 
PHE CB  HB3  sing N N 221 
PHE CG  CD1  doub Y N 222 
PHE CG  CD2  sing Y N 223 
PHE CD1 CE1  sing Y N 224 
PHE CD1 HD1  sing N N 225 
PHE CD2 CE2  doub Y N 226 
PHE CD2 HD2  sing N N 227 
PHE CE1 CZ   doub Y N 228 
PHE CE1 HE1  sing N N 229 
PHE CE2 CZ   sing Y N 230 
PHE CE2 HE2  sing N N 231 
PHE CZ  HZ   sing N N 232 
PHE OXT HXT  sing N N 233 
SER N   CA   sing N N 234 
SER N   H    sing N N 235 
SER N   H2   sing N N 236 
SER CA  C    sing N N 237 
SER CA  CB   sing N N 238 
SER CA  HA   sing N N 239 
SER C   O    doub N N 240 
SER C   OXT  sing N N 241 
SER CB  OG   sing N N 242 
SER CB  HB2  sing N N 243 
SER CB  HB3  sing N N 244 
SER OG  HG   sing N N 245 
SER OXT HXT  sing N N 246 
TYR N   CA   sing N N 247 
TYR N   H    sing N N 248 
TYR N   H2   sing N N 249 
TYR CA  C    sing N N 250 
TYR CA  CB   sing N N 251 
TYR CA  HA   sing N N 252 
TYR C   O    doub N N 253 
TYR C   OXT  sing N N 254 
TYR CB  CG   sing N N 255 
TYR CB  HB2  sing N N 256 
TYR CB  HB3  sing N N 257 
TYR CG  CD1  doub Y N 258 
TYR CG  CD2  sing Y N 259 
TYR CD1 CE1  sing Y N 260 
TYR CD1 HD1  sing N N 261 
TYR CD2 CE2  doub Y N 262 
TYR CD2 HD2  sing N N 263 
TYR CE1 CZ   doub Y N 264 
TYR CE1 HE1  sing N N 265 
TYR CE2 CZ   sing Y N 266 
TYR CE2 HE2  sing N N 267 
TYR CZ  OH   sing N N 268 
TYR OH  HH   sing N N 269 
TYR OXT HXT  sing N N 270 
# 
_pdbx_entity_nonpoly.entity_id   3 
_pdbx_entity_nonpoly.name        water 
_pdbx_entity_nonpoly.comp_id     HOH 
# 
